data_1W19
#
_entry.id   1W19
#
_cell.length_a   131.267
_cell.length_b   80.688
_cell.length_c   86.188
_cell.angle_alpha   90.00
_cell.angle_beta   120.29
_cell.angle_gamma   90.00
#
_symmetry.space_group_name_H-M   'C 1 2 1'
#
loop_
_entity.id
_entity.type
_entity.pdbx_description
1 polymer '6,7-DIMETHYL-8-RIBITYLLUMAZINE SYNTHASE'
2 non-polymer 'ACETIC ACID'
3 non-polymer (2R,3S)-1,4-DIMERCAPTOBUTANE-2,3-DIOL
4 non-polymer '3-{2,6,8-TRIOXO-9-[(2R,3S,4R)-2,3,4,5-TETRAHYDROXYPENTYL]-1,2,3,6,8,9-HEXAHYDRO-7H-PURIN-7-YL}PROPYL DIHYDROGEN PHOSPHATE'
5 non-polymer 'POTASSIUM ION'
6 non-polymer '3-{2,6,8-TRIOXO-9-[(2S,3R,4R)-2,3,4,5-TETRAHYDROXYPENTYL]-1,2,3,6,8,9-HEXAHYDRO-7H-PURIN-7-YL}PROPYL DIHYDROGEN PHOSPHATE'
7 non-polymer (2S,3S)-1,4-DIMERCAPTOBUTANE-2,3-DIOL
8 non-polymer '3-{2,6,8-TRIOXO-9-[(2S,3S,4R)-2,3,4,5-TETRAHYDROXYPENTYL]-1,2,3,6,8,9-HEXAHYDRO-7H-PURIN-7-YL}PROPYL DIHYDROGEN PHOSPHATE'
9 non-polymer '3-{2,6,8-TRIOXO-9-[(2R,3R,4R)-2,3,4,5-TETRAHYDROXYPENTYL]-1,2,3,6,8,9-HEXAHYDRO-7H-PURIN-7-YL}PROPYL DIHYDROGEN PHOSPHATE'
10 non-polymer (4S,5S)-1,2-DITHIANE-4,5-DIOL
11 water water
#
_entity_poly.entity_id   1
_entity_poly.type   'polypeptide(L)'
_entity_poly.pdbx_seq_one_letter_code
;MKGGAGVPDLPSLDASGVRLAIVASSWHGKICDALLDGARKVAAGCGLDDPTVVRVLGAIEIPVVAQELARNHDAVVALG
VVIRGQTPHFDYVCDAVTQGLTRVSLDSSTPIANGVLTTNTEEQALDRAGLPTSAEDKGAQATVAALATALTLRELRAHS
;
_entity_poly.pdbx_strand_id   A,B,C,D,E
#
loop_
_chem_comp.id
_chem_comp.type
_chem_comp.name
_chem_comp.formula
ACY non-polymer 'ACETIC ACID' 'C2 H4 O2'
D1D non-polymer (4S,5S)-1,2-DITHIANE-4,5-DIOL 'C4 H8 O2 S2'
DTU non-polymer (2R,3S)-1,4-DIMERCAPTOBUTANE-2,3-DIOL 'C4 H10 O2 S2'
DTV non-polymer (2S,3S)-1,4-DIMERCAPTOBUTANE-2,3-DIOL 'C4 H10 O2 S2'
K non-polymer 'POTASSIUM ION' 'K 1'
T1P non-polymer '3-{2,6,8-TRIOXO-9-[(2R,3S,4R)-2,3,4,5-TETRAHYDROXYPENTYL]-1,2,3,6,8,9-HEXAHYDRO-7H-PURIN-7-YL}PROPYL DIHYDROGEN PHOSPHATE' 'C13 H21 N4 O11 P'
T2P non-polymer '3-{2,6,8-TRIOXO-9-[(2S,3R,4R)-2,3,4,5-TETRAHYDROXYPENTYL]-1,2,3,6,8,9-HEXAHYDRO-7H-PURIN-7-YL}PROPYL DIHYDROGEN PHOSPHATE' 'C13 H21 N4 O11 P'
T4P non-polymer '3-{2,6,8-TRIOXO-9-[(2R,3R,4R)-2,3,4,5-TETRAHYDROXYPENTYL]-1,2,3,6,8,9-HEXAHYDRO-7H-PURIN-7-YL}PROPYL DIHYDROGEN PHOSPHATE' 'C13 H21 N4 O11 P'
T5P non-polymer '3-{2,6,8-TRIOXO-9-[(2S,3S,4R)-2,3,4,5-TETRAHYDROXYPENTYL]-1,2,3,6,8,9-HEXAHYDRO-7H-PURIN-7-YL}PROPYL DIHYDROGEN PHOSPHATE' 'C13 H21 N4 O11 P'
#
# COMPACT_ATOMS: atom_id res chain seq x y z
N ASP A 14 27.86 0.14 -22.41
CA ASP A 14 28.64 1.42 -22.18
C ASP A 14 27.85 2.36 -21.29
N ALA A 15 26.68 2.82 -21.75
CA ALA A 15 25.76 3.67 -20.97
C ALA A 15 26.17 5.15 -20.78
N SER A 16 27.08 5.65 -21.60
CA SER A 16 27.66 6.99 -21.39
C SER A 16 26.71 8.20 -21.50
N GLY A 17 25.59 8.05 -22.22
CA GLY A 17 24.61 9.12 -22.36
C GLY A 17 23.47 9.07 -21.34
N VAL A 18 23.52 8.11 -20.42
CA VAL A 18 22.51 7.99 -19.40
C VAL A 18 22.75 9.05 -18.34
N ARG A 19 21.68 9.73 -17.97
CA ARG A 19 21.73 10.77 -16.94
C ARG A 19 21.34 10.12 -15.63
N LEU A 20 22.32 10.01 -14.74
CA LEU A 20 22.17 9.21 -13.55
C LEU A 20 22.20 10.12 -12.32
N ALA A 21 21.27 9.88 -11.41
CA ALA A 21 21.30 10.49 -10.07
C ALA A 21 21.42 9.40 -9.00
N ILE A 22 22.09 9.73 -7.90
CA ILE A 22 22.28 8.82 -6.76
C ILE A 22 21.92 9.61 -5.54
N VAL A 23 20.99 9.11 -4.75
CA VAL A 23 20.65 9.70 -3.47
C VAL A 23 20.96 8.69 -2.39
N ALA A 24 21.78 9.10 -1.42
CA ALA A 24 22.24 8.20 -0.34
C ALA A 24 21.94 8.82 1.01
N SER A 25 21.19 8.09 1.83
CA SER A 25 20.96 8.46 3.22
C SER A 25 22.27 8.33 4.01
N SER A 26 22.25 8.75 5.27
CA SER A 26 23.46 8.88 6.07
C SER A 26 23.48 8.06 7.37
N TRP A 27 22.34 7.51 7.79
CA TRP A 27 22.28 6.65 8.98
C TRP A 27 23.15 5.41 8.76
N HIS A 28 24.05 5.15 9.70
CA HIS A 28 25.14 4.18 9.54
C HIS A 28 26.08 4.66 8.44
N GLY A 29 26.74 5.78 8.71
CA GLY A 29 27.48 6.53 7.72
C GLY A 29 28.61 5.78 7.01
N LYS A 30 29.37 4.97 7.75
CA LYS A 30 30.44 4.16 7.18
C LYS A 30 29.88 3.22 6.11
N ILE A 31 28.75 2.58 6.41
CA ILE A 31 28.13 1.67 5.47
C ILE A 31 27.53 2.45 4.29
N CYS A 32 26.87 3.56 4.57
CA CYS A 32 26.27 4.38 3.53
C CYS A 32 27.30 4.91 2.55
N ASP A 33 28.46 5.30 3.08
CA ASP A 33 29.54 5.88 2.29
C ASP A 33 30.14 4.82 1.36
N ALA A 34 30.20 3.60 1.86
CA ALA A 34 30.68 2.47 1.08
C ALA A 34 29.70 2.11 -0.07
N LEU A 35 28.39 2.11 0.19
CA LEU A 35 27.40 1.88 -0.87
C LEU A 35 27.55 2.95 -1.95
N LEU A 36 27.78 4.20 -1.53
CA LEU A 36 27.89 5.33 -2.45
C LEU A 36 29.13 5.20 -3.32
N ASP A 37 30.22 4.78 -2.69
CA ASP A 37 31.45 4.51 -3.38
C ASP A 37 31.30 3.43 -4.46
N GLY A 38 30.58 2.35 -4.16
CA GLY A 38 30.34 1.31 -5.16
C GLY A 38 29.50 1.82 -6.32
N ALA A 39 28.46 2.60 -6.01
CA ALA A 39 27.58 3.18 -7.02
C ALA A 39 28.34 4.10 -7.96
N ARG A 40 29.14 4.99 -7.37
CA ARG A 40 29.94 5.93 -8.16
C ARG A 40 31.00 5.24 -9.00
N LYS A 41 31.54 4.13 -8.49
CA LYS A 41 32.57 3.38 -9.21
C LYS A 41 32.00 2.60 -10.41
N VAL A 42 30.79 2.06 -10.25
CA VAL A 42 30.08 1.41 -11.36
C VAL A 42 29.76 2.46 -12.40
N ALA A 43 29.29 3.62 -11.96
CA ALA A 43 28.97 4.71 -12.88
C ALA A 43 30.19 5.13 -13.72
N ALA A 44 31.32 5.34 -13.04
CA ALA A 44 32.54 5.74 -13.70
C ALA A 44 33.05 4.64 -14.64
N GLY A 45 32.94 3.39 -14.21
CA GLY A 45 33.30 2.25 -15.02
C GLY A 45 32.50 2.20 -16.32
N CYS A 46 31.26 2.66 -16.25
CA CYS A 46 30.37 2.72 -17.41
C CYS A 46 30.42 4.06 -18.18
N GLY A 47 31.41 4.90 -17.93
CA GLY A 47 31.61 6.14 -18.67
C GLY A 47 30.84 7.36 -18.18
N LEU A 48 30.29 7.29 -16.97
CA LEU A 48 29.65 8.40 -16.28
C LEU A 48 30.51 8.87 -15.08
N ASP A 49 31.24 9.96 -15.27
CA ASP A 49 32.12 10.54 -14.25
C ASP A 49 31.45 11.60 -13.39
N ASP A 50 30.23 12.00 -13.74
CA ASP A 50 29.60 13.14 -13.11
C ASP A 50 28.13 12.90 -12.79
N PRO A 51 27.80 11.77 -12.16
CA PRO A 51 26.41 11.58 -11.72
C PRO A 51 26.03 12.67 -10.71
N THR A 52 24.76 13.07 -10.70
CA THR A 52 24.24 13.91 -9.64
C THR A 52 24.18 13.12 -8.32
N VAL A 53 24.94 13.55 -7.32
CA VAL A 53 25.01 12.87 -6.05
C VAL A 53 24.48 13.81 -4.97
N VAL A 54 23.50 13.31 -4.22
CA VAL A 54 22.85 14.04 -3.14
C VAL A 54 22.78 13.16 -1.88
N ARG A 55 22.97 13.75 -0.69
CA ARG A 55 22.86 13.04 0.59
C ARG A 55 21.63 13.48 1.38
N VAL A 56 20.96 12.51 2.01
CA VAL A 56 19.88 12.79 2.94
C VAL A 56 20.20 12.08 4.28
N LEU A 57 19.47 12.42 5.33
CA LEU A 57 19.80 11.87 6.65
C LEU A 57 19.42 10.39 6.77
N GLY A 58 18.14 10.09 6.56
CA GLY A 58 17.64 8.73 6.69
C GLY A 58 16.93 8.19 5.46
N ALA A 59 16.66 6.89 5.48
CA ALA A 59 16.04 6.22 4.34
C ALA A 59 14.65 6.81 3.99
N ILE A 60 13.91 7.26 5.01
CA ILE A 60 12.58 7.87 4.79
C ILE A 60 12.63 9.16 3.98
N GLU A 61 13.76 9.87 4.08
CA GLU A 61 13.98 11.10 3.31
C GLU A 61 14.30 10.83 1.83
N ILE A 62 14.59 9.58 1.47
CA ILE A 62 15.02 9.29 0.12
C ILE A 62 13.95 9.56 -0.94
N PRO A 63 12.73 9.03 -0.80
CA PRO A 63 11.74 9.14 -1.89
C PRO A 63 11.42 10.56 -2.36
N VAL A 64 11.32 11.53 -1.45
CA VAL A 64 10.96 12.88 -1.89
C VAL A 64 12.11 13.49 -2.70
N VAL A 65 13.34 13.12 -2.37
CA VAL A 65 14.51 13.62 -3.10
C VAL A 65 14.64 12.89 -4.44
N ALA A 66 14.35 11.58 -4.44
CA ALA A 66 14.35 10.79 -5.65
C ALA A 66 13.34 11.32 -6.63
N GLN A 67 12.22 11.79 -6.11
CA GLN A 67 11.17 12.35 -6.93
C GLN A 67 11.65 13.59 -7.67
N GLU A 68 12.37 14.47 -6.99
CA GLU A 68 12.92 15.65 -7.61
C GLU A 68 13.94 15.28 -8.69
N LEU A 69 14.84 14.34 -8.36
CA LEU A 69 15.91 13.89 -9.28
C LEU A 69 15.35 13.17 -10.52
N ALA A 70 14.27 12.44 -10.37
CA ALA A 70 13.66 11.72 -11.49
C ALA A 70 13.08 12.66 -12.54
N ARG A 71 12.89 13.94 -12.21
CA ARG A 71 12.33 14.88 -13.18
C ARG A 71 13.30 15.13 -14.30
N ASN A 72 14.59 15.03 -14.01
CA ASN A 72 15.61 15.33 -15.02
C ASN A 72 16.79 14.37 -15.09
N HIS A 73 16.56 13.15 -14.66
CA HIS A 73 17.49 12.06 -14.85
C HIS A 73 16.74 10.86 -15.46
N ASP A 74 17.50 10.01 -16.13
CA ASP A 74 17.00 8.77 -16.74
C ASP A 74 16.92 7.64 -15.73
N ALA A 75 17.59 7.81 -14.62
CA ALA A 75 17.60 6.77 -13.58
C ALA A 75 18.12 7.34 -12.27
N VAL A 76 17.60 6.79 -11.18
CA VAL A 76 17.98 7.20 -9.84
C VAL A 76 18.35 5.94 -9.06
N VAL A 77 19.50 5.96 -8.37
CA VAL A 77 19.89 4.89 -7.45
C VAL A 77 19.63 5.40 -6.01
N ALA A 78 18.87 4.65 -5.25
CA ALA A 78 18.57 4.95 -3.85
C ALA A 78 19.47 4.08 -2.99
N LEU A 79 20.23 4.70 -2.10
CA LEU A 79 21.15 3.96 -1.23
C LEU A 79 20.91 4.31 0.21
N GLY A 80 20.96 3.31 1.06
CA GLY A 80 20.88 3.52 2.50
C GLY A 80 20.97 2.21 3.26
N VAL A 81 20.83 2.29 4.57
CA VAL A 81 21.04 1.12 5.44
C VAL A 81 20.04 1.20 6.59
N VAL A 82 19.12 0.24 6.64
CA VAL A 82 18.18 0.11 7.72
C VAL A 82 18.49 -1.20 8.45
N ILE A 83 18.81 -1.13 9.73
CA ILE A 83 19.12 -2.31 10.54
C ILE A 83 18.12 -2.42 11.67
N ARG A 84 17.55 -3.60 11.85
CA ARG A 84 16.52 -3.81 12.86
C ARG A 84 17.09 -3.53 14.25
N GLY A 85 16.31 -2.86 15.07
CA GLY A 85 16.66 -2.51 16.43
C GLY A 85 15.82 -3.31 17.40
N GLN A 86 15.51 -2.71 18.56
CA GLN A 86 14.71 -3.36 19.60
C GLN A 86 13.19 -3.21 19.34
N THR A 87 12.78 -2.28 18.48
CA THR A 87 11.34 -1.99 18.29
C THR A 87 10.84 -2.39 16.89
N PRO A 88 9.53 -2.29 16.69
CA PRO A 88 8.94 -2.44 15.35
C PRO A 88 9.30 -1.37 14.33
N HIS A 89 9.97 -0.29 14.72
CA HIS A 89 10.21 0.83 13.82
C HIS A 89 10.90 0.43 12.52
N PHE A 90 11.81 -0.55 12.58
CA PHE A 90 12.46 -1.11 11.38
C PHE A 90 11.41 -1.43 10.29
N ASP A 91 10.38 -2.19 10.65
CA ASP A 91 9.30 -2.55 9.70
C ASP A 91 8.76 -1.33 8.95
N TYR A 92 8.45 -0.27 9.69
CA TYR A 92 7.76 0.88 9.11
C TYR A 92 8.70 1.76 8.33
N VAL A 93 9.98 1.79 8.69
CA VAL A 93 10.95 2.53 7.88
C VAL A 93 11.05 1.85 6.52
N CYS A 94 11.19 0.54 6.56
CA CYS A 94 11.27 -0.26 5.34
C CYS A 94 9.98 -0.19 4.47
N ASP A 95 8.80 -0.26 5.08
CA ASP A 95 7.54 -0.11 4.34
C ASP A 95 7.48 1.26 3.63
N ALA A 96 7.88 2.33 4.32
CA ALA A 96 7.83 3.68 3.75
C ALA A 96 8.72 3.79 2.54
N VAL A 97 9.93 3.25 2.64
CA VAL A 97 10.88 3.34 1.56
C VAL A 97 10.37 2.55 0.36
N THR A 98 9.90 1.33 0.62
CA THR A 98 9.36 0.48 -0.44
C THR A 98 8.17 1.14 -1.15
N GLN A 99 7.23 1.64 -0.38
CA GLN A 99 6.08 2.31 -0.95
C GLN A 99 6.45 3.56 -1.75
N GLY A 100 7.36 4.36 -1.20
CA GLY A 100 7.76 5.62 -1.78
C GLY A 100 8.54 5.48 -3.08
N LEU A 101 9.51 4.58 -3.10
CA LEU A 101 10.36 4.40 -4.28
C LEU A 101 9.54 3.80 -5.41
N THR A 102 8.67 2.85 -5.08
CA THR A 102 7.78 2.24 -6.06
C THR A 102 6.86 3.29 -6.70
N ARG A 103 6.24 4.12 -5.87
CA ARG A 103 5.39 5.18 -6.38
C ARG A 103 6.18 6.19 -7.25
N VAL A 104 7.37 6.59 -6.81
CA VAL A 104 8.19 7.55 -7.57
C VAL A 104 8.53 7.00 -8.96
N SER A 105 8.90 5.72 -9.04
CA SER A 105 9.29 5.10 -10.31
C SER A 105 8.15 5.12 -11.34
N LEU A 106 6.95 4.80 -10.87
CA LEU A 106 5.78 4.73 -11.73
C LEU A 106 5.16 6.10 -12.04
N ASP A 107 5.22 7.05 -11.08
CA ASP A 107 4.77 8.43 -11.36
C ASP A 107 5.67 9.04 -12.43
N SER A 108 6.98 8.79 -12.33
CA SER A 108 7.98 9.47 -13.17
C SER A 108 8.36 8.62 -14.39
N SER A 109 7.84 7.39 -14.46
CA SER A 109 8.21 6.43 -15.52
C SER A 109 9.74 6.35 -15.64
N THR A 110 10.41 6.29 -14.49
CA THR A 110 11.87 6.30 -14.38
C THR A 110 12.32 5.20 -13.43
N PRO A 111 13.33 4.40 -13.80
CA PRO A 111 13.86 3.40 -12.86
C PRO A 111 14.41 4.03 -11.61
N ILE A 112 13.95 3.52 -10.46
CA ILE A 112 14.50 3.87 -9.16
C ILE A 112 15.04 2.58 -8.54
N ALA A 113 16.35 2.43 -8.61
CA ALA A 113 16.98 1.20 -8.19
C ALA A 113 17.06 1.20 -6.66
N ASN A 114 16.70 0.08 -6.04
CA ASN A 114 16.68 -0.01 -4.60
C ASN A 114 17.96 -0.68 -4.07
N GLY A 115 18.92 0.14 -3.64
CA GLY A 115 20.10 -0.28 -2.90
C GLY A 115 20.03 0.16 -1.43
N VAL A 116 18.84 0.10 -0.85
CA VAL A 116 18.67 0.36 0.55
C VAL A 116 18.74 -0.98 1.27
N LEU A 117 19.81 -1.19 2.03
CA LEU A 117 19.95 -2.45 2.79
C LEU A 117 18.88 -2.49 3.88
N THR A 118 18.26 -3.66 4.06
CA THR A 118 17.32 -3.91 5.15
C THR A 118 17.71 -5.19 5.84
N THR A 119 18.45 -5.07 6.94
CA THR A 119 19.05 -6.24 7.57
C THR A 119 18.62 -6.39 9.01
N ASN A 120 18.75 -7.62 9.52
CA ASN A 120 18.54 -7.90 10.91
C ASN A 120 19.71 -7.49 11.80
N THR A 121 20.93 -7.53 11.25
CA THR A 121 22.14 -7.27 12.03
C THR A 121 23.11 -6.35 11.30
N GLU A 122 23.98 -5.70 12.08
CA GLU A 122 25.00 -4.85 11.53
C GLU A 122 25.92 -5.67 10.61
N GLU A 123 26.23 -6.90 11.01
CA GLU A 123 27.13 -7.78 10.25
C GLU A 123 26.57 -8.04 8.83
N GLN A 124 25.25 -8.26 8.75
CA GLN A 124 24.60 -8.46 7.46
C GLN A 124 24.71 -7.21 6.56
N ALA A 125 24.55 -6.02 7.15
CA ALA A 125 24.67 -4.80 6.38
C ALA A 125 26.12 -4.60 5.90
N LEU A 126 27.08 -4.82 6.79
CA LEU A 126 28.51 -4.69 6.48
C LEU A 126 28.87 -5.61 5.31
N ASP A 127 28.27 -6.79 5.30
CA ASP A 127 28.56 -7.84 4.31
C ASP A 127 28.02 -7.51 2.92
N ARG A 128 27.21 -6.46 2.83
CA ARG A 128 26.47 -6.13 1.63
C ARG A 128 26.78 -4.73 1.10
N ALA A 129 27.81 -4.09 1.67
CA ALA A 129 28.09 -2.70 1.40
C ALA A 129 29.33 -2.50 0.52
N GLY A 130 29.98 -3.61 0.16
CA GLY A 130 31.20 -3.55 -0.63
C GLY A 130 32.33 -2.83 0.10
N LEU A 131 32.37 -2.98 1.42
CA LEU A 131 33.56 -2.72 2.23
C LEU A 131 34.59 -3.80 1.90
N PRO A 132 35.84 -3.61 2.31
CA PRO A 132 36.91 -4.53 1.91
C PRO A 132 36.58 -6.02 2.14
N THR A 133 36.00 -6.38 3.28
CA THR A 133 35.73 -7.80 3.56
C THR A 133 34.31 -8.24 3.22
N SER A 134 33.52 -7.37 2.60
CA SER A 134 32.13 -7.71 2.24
C SER A 134 32.05 -8.80 1.16
N ALA A 135 31.06 -9.69 1.31
CA ALA A 135 30.71 -10.67 0.29
C ALA A 135 30.13 -10.02 -0.98
N GLU A 136 29.44 -8.90 -0.83
CA GLU A 136 28.84 -8.20 -1.99
C GLU A 136 28.65 -6.70 -1.78
N ASP A 137 28.22 -6.01 -2.84
CA ASP A 137 28.02 -4.56 -2.81
C ASP A 137 26.72 -4.25 -3.52
N LYS A 138 25.67 -4.03 -2.74
CA LYS A 138 24.34 -3.80 -3.27
C LYS A 138 24.21 -2.42 -3.89
N GLY A 139 25.11 -1.49 -3.51
CA GLY A 139 25.16 -0.18 -4.14
C GLY A 139 25.61 -0.26 -5.58
N ALA A 140 26.66 -1.06 -5.83
CA ALA A 140 27.11 -1.37 -7.18
C ALA A 140 26.03 -2.13 -7.97
N GLN A 141 25.43 -3.13 -7.35
CA GLN A 141 24.36 -3.90 -8.01
C GLN A 141 23.21 -3.01 -8.41
N ALA A 142 22.78 -2.14 -7.51
CA ALA A 142 21.66 -1.27 -7.80
C ALA A 142 21.96 -0.33 -8.96
N THR A 143 23.21 0.10 -9.05
CA THR A 143 23.61 1.02 -10.08
C THR A 143 23.61 0.33 -11.46
N VAL A 144 24.05 -0.92 -11.51
CA VAL A 144 23.91 -1.72 -12.71
C VAL A 144 22.43 -1.82 -13.10
N ALA A 145 21.57 -2.09 -12.14
CA ALA A 145 20.14 -2.25 -12.39
C ALA A 145 19.56 -0.99 -13.01
N ALA A 146 19.91 0.15 -12.42
CA ALA A 146 19.45 1.45 -12.85
C ALA A 146 19.86 1.76 -14.27
N LEU A 147 21.12 1.53 -14.57
CA LEU A 147 21.64 1.85 -15.89
C LEU A 147 21.06 0.93 -16.97
N ALA A 148 21.06 -0.38 -16.69
CA ALA A 148 20.53 -1.37 -17.63
C ALA A 148 19.03 -1.10 -17.95
N THR A 149 18.25 -0.71 -16.93
CA THR A 149 16.83 -0.41 -17.12
C THR A 149 16.62 0.89 -17.93
N ALA A 150 17.41 1.92 -17.66
CA ALA A 150 17.35 3.15 -18.46
C ALA A 150 17.62 2.87 -19.92
N LEU A 151 18.63 2.05 -20.17
CA LEU A 151 19.04 1.70 -21.52
C LEU A 151 17.94 0.91 -22.23
N THR A 152 17.28 0.04 -21.50
CA THR A 152 16.21 -0.76 -22.06
C THR A 152 15.03 0.13 -22.42
N LEU A 153 14.65 1.03 -21.53
CA LEU A 153 13.53 1.94 -21.77
C LEU A 153 13.81 2.84 -22.96
N ARG A 154 15.06 3.24 -23.10
CA ARG A 154 15.50 4.05 -24.22
C ARG A 154 15.25 3.34 -25.55
N GLU A 155 15.53 2.04 -25.59
CA GLU A 155 15.33 1.25 -26.79
C GLU A 155 13.85 1.00 -27.04
N LEU A 156 13.04 0.91 -25.98
CA LEU A 156 11.61 0.75 -26.16
C LEU A 156 10.88 2.03 -26.59
N ARG A 157 11.42 3.21 -26.30
CA ARG A 157 10.67 4.46 -26.49
C ARG A 157 10.90 5.06 -27.86
N ALA A 158 10.25 6.21 -28.12
CA ALA A 158 10.12 6.81 -29.44
C ALA A 158 11.46 7.23 -29.94
N HIS A 159 11.84 6.59 -31.03
CA HIS A 159 13.03 6.95 -31.77
C HIS A 159 12.76 6.43 -33.20
N SER A 160 13.03 7.26 -34.21
CA SER A 160 12.58 6.96 -35.58
C SER A 160 13.19 7.96 -36.57
N ASP B 14 22.86 26.97 7.26
CA ASP B 14 21.72 27.17 8.21
C ASP B 14 20.36 27.19 7.49
N ALA B 15 19.30 27.10 8.29
CA ALA B 15 17.95 26.89 7.79
C ALA B 15 17.03 28.08 8.01
N SER B 16 17.57 29.28 8.21
CA SER B 16 16.73 30.41 8.67
C SER B 16 15.64 30.82 7.68
N GLY B 17 15.81 30.49 6.40
CA GLY B 17 14.78 30.75 5.40
C GLY B 17 13.70 29.67 5.26
N VAL B 18 13.88 28.49 5.85
CA VAL B 18 12.90 27.43 5.63
C VAL B 18 11.70 27.56 6.56
N ARG B 19 10.53 27.25 6.02
CA ARG B 19 9.28 27.36 6.73
C ARG B 19 8.93 25.99 7.26
N LEU B 20 9.03 25.82 8.56
CA LEU B 20 8.86 24.51 9.19
C LEU B 20 7.54 24.42 9.94
N ALA B 21 6.86 23.28 9.79
CA ALA B 21 5.66 22.98 10.57
C ALA B 21 5.86 21.67 11.36
N ILE B 22 5.26 21.59 12.53
CA ILE B 22 5.38 20.40 13.37
C ILE B 22 3.97 20.05 13.76
N VAL B 23 3.56 18.82 13.48
CA VAL B 23 2.28 18.34 13.96
C VAL B 23 2.55 17.17 14.91
N ALA B 24 2.08 17.29 16.13
CA ALA B 24 2.32 16.28 17.16
C ALA B 24 1.01 15.77 17.73
N SER B 25 0.84 14.45 17.77
CA SER B 25 -0.32 13.82 18.39
C SER B 25 -0.15 13.86 19.92
N SER B 26 -1.16 13.41 20.64
CA SER B 26 -1.25 13.66 22.08
C SER B 26 -1.39 12.41 22.97
N TRP B 27 -1.65 11.24 22.38
CA TRP B 27 -1.62 9.98 23.13
C TRP B 27 -0.20 9.81 23.69
N HIS B 28 -0.11 9.53 24.98
CA HIS B 28 1.17 9.50 25.70
C HIS B 28 1.78 10.91 25.72
N GLY B 29 1.02 11.84 26.27
CA GLY B 29 1.34 13.26 26.27
C GLY B 29 2.70 13.74 26.77
N LYS B 30 3.22 13.17 27.85
CA LYS B 30 4.55 13.54 28.37
C LYS B 30 5.65 13.18 27.37
N ILE B 31 5.49 12.04 26.69
CA ILE B 31 6.47 11.65 25.70
C ILE B 31 6.32 12.56 24.47
N CYS B 32 5.09 12.84 24.04
CA CYS B 32 4.86 13.74 22.91
C CYS B 32 5.50 15.12 23.14
N ASP B 33 5.28 15.68 24.32
CA ASP B 33 5.86 16.96 24.69
C ASP B 33 7.40 16.94 24.68
N ALA B 34 7.98 15.79 25.04
CA ALA B 34 9.41 15.65 25.02
C ALA B 34 9.90 15.63 23.58
N LEU B 35 9.27 14.85 22.72
CA LEU B 35 9.57 14.90 21.28
C LEU B 35 9.50 16.32 20.72
N LEU B 36 8.47 17.06 21.10
CA LEU B 36 8.25 18.40 20.59
C LEU B 36 9.35 19.33 21.06
N ASP B 37 9.81 19.13 22.30
CA ASP B 37 10.88 19.94 22.85
C ASP B 37 12.16 19.77 22.03
N GLY B 38 12.45 18.52 21.68
CA GLY B 38 13.61 18.21 20.87
C GLY B 38 13.48 18.88 19.51
N ALA B 39 12.31 18.77 18.89
CA ALA B 39 12.07 19.37 17.57
C ALA B 39 12.27 20.87 17.57
N ARG B 40 11.72 21.55 18.56
CA ARG B 40 11.79 23.00 18.63
C ARG B 40 13.25 23.46 18.86
N LYS B 41 13.98 22.68 19.65
CA LYS B 41 15.37 22.99 19.97
C LYS B 41 16.27 22.88 18.75
N VAL B 42 16.07 21.85 17.94
CA VAL B 42 16.80 21.74 16.67
C VAL B 42 16.46 22.92 15.76
N ALA B 43 15.17 23.22 15.63
CA ALA B 43 14.69 24.30 14.79
C ALA B 43 15.29 25.63 15.22
N ALA B 44 15.32 25.89 16.53
CA ALA B 44 15.89 27.13 17.04
C ALA B 44 17.41 27.16 16.84
N GLY B 45 18.07 26.02 17.00
CA GLY B 45 19.50 25.92 16.78
C GLY B 45 19.86 26.27 15.35
N CYS B 46 18.95 26.00 14.43
CA CYS B 46 19.17 26.20 13.01
C CYS B 46 18.64 27.54 12.50
N GLY B 47 18.22 28.41 13.41
CA GLY B 47 17.79 29.76 13.07
C GLY B 47 16.28 30.00 12.99
N LEU B 48 15.47 28.99 13.32
CA LEU B 48 14.00 29.07 13.26
C LEU B 48 13.35 29.10 14.66
N ASP B 49 12.95 30.29 15.10
CA ASP B 49 12.37 30.46 16.44
C ASP B 49 10.86 30.23 16.50
N ASP B 50 10.20 30.15 15.33
CA ASP B 50 8.75 30.21 15.32
C ASP B 50 8.13 29.24 14.31
N PRO B 51 8.40 27.95 14.47
CA PRO B 51 7.77 26.96 13.58
C PRO B 51 6.27 26.93 13.86
N THR B 52 5.48 26.60 12.85
CA THR B 52 4.04 26.36 12.99
C THR B 52 3.89 25.04 13.74
N VAL B 53 3.18 25.06 14.87
CA VAL B 53 3.02 23.85 15.70
C VAL B 53 1.54 23.59 15.89
N VAL B 54 1.10 22.39 15.53
CA VAL B 54 -0.31 21.99 15.58
C VAL B 54 -0.40 20.65 16.34
N ARG B 55 -1.41 20.52 17.20
CA ARG B 55 -1.66 19.29 17.96
C ARG B 55 -2.87 18.52 17.44
N VAL B 56 -2.74 17.21 17.41
CA VAL B 56 -3.86 16.33 17.13
C VAL B 56 -3.99 15.26 18.22
N LEU B 57 -5.10 14.53 18.21
CA LEU B 57 -5.36 13.54 19.25
C LEU B 57 -4.46 12.32 19.11
N GLY B 58 -4.63 11.56 18.04
CA GLY B 58 -3.86 10.35 17.84
C GLY B 58 -3.04 10.37 16.57
N ALA B 59 -2.14 9.40 16.45
CA ALA B 59 -1.28 9.32 15.28
C ALA B 59 -2.08 9.24 13.96
N ILE B 60 -3.22 8.55 13.96
CA ILE B 60 -4.04 8.39 12.76
C ILE B 60 -4.50 9.75 12.25
N GLU B 61 -4.64 10.74 13.14
CA GLU B 61 -5.09 12.09 12.75
C GLU B 61 -3.96 12.94 12.13
N ILE B 62 -2.72 12.46 12.20
CA ILE B 62 -1.60 13.25 11.71
C ILE B 62 -1.59 13.53 10.21
N PRO B 63 -1.74 12.51 9.36
CA PRO B 63 -1.57 12.73 7.91
C PRO B 63 -2.47 13.76 7.30
N VAL B 64 -3.74 13.85 7.69
CA VAL B 64 -4.62 14.82 7.06
C VAL B 64 -4.23 16.26 7.46
N VAL B 65 -3.73 16.43 8.68
CA VAL B 65 -3.26 17.74 9.14
C VAL B 65 -1.90 18.08 8.48
N ALA B 66 -1.04 17.08 8.37
CA ALA B 66 0.26 17.26 7.71
C ALA B 66 0.03 17.67 6.25
N GLN B 67 -0.97 17.07 5.60
CA GLN B 67 -1.30 17.47 4.23
C GLN B 67 -1.65 18.96 4.14
N GLU B 68 -2.46 19.42 5.10
CA GLU B 68 -2.79 20.82 5.11
C GLU B 68 -1.53 21.71 5.29
N LEU B 69 -0.65 21.32 6.21
CA LEU B 69 0.55 22.11 6.54
C LEU B 69 1.55 22.15 5.38
N ALA B 70 1.61 21.07 4.62
CA ALA B 70 2.49 20.96 3.46
C ALA B 70 2.16 21.97 2.36
N ARG B 71 0.93 22.48 2.31
CA ARG B 71 0.53 23.47 1.28
C ARG B 71 1.26 24.79 1.47
N ASN B 72 1.70 25.02 2.71
CA ASN B 72 2.22 26.29 3.18
C ASN B 72 3.63 26.27 3.81
N HIS B 73 4.27 25.09 3.85
CA HIS B 73 5.56 24.90 4.52
C HIS B 73 6.52 24.14 3.61
N ASP B 74 7.83 24.35 3.82
CA ASP B 74 8.90 23.63 3.12
C ASP B 74 9.22 22.28 3.71
N ALA B 75 8.75 22.05 4.93
CA ALA B 75 8.98 20.79 5.63
C ALA B 75 8.01 20.68 6.77
N VAL B 76 7.59 19.45 7.03
CA VAL B 76 6.70 19.12 8.13
C VAL B 76 7.32 17.99 8.90
N VAL B 77 7.26 18.08 10.23
CA VAL B 77 7.76 17.06 11.12
C VAL B 77 6.54 16.45 11.82
N ALA B 78 6.36 15.13 11.71
CA ALA B 78 5.25 14.44 12.37
C ALA B 78 5.78 13.81 13.65
N LEU B 79 5.13 14.12 14.77
CA LEU B 79 5.57 13.60 16.07
C LEU B 79 4.43 12.86 16.71
N GLY B 80 4.74 11.77 17.39
CA GLY B 80 3.72 11.03 18.11
C GLY B 80 4.28 9.79 18.77
N VAL B 81 3.43 9.00 19.41
CA VAL B 81 3.87 7.83 20.16
C VAL B 81 2.82 6.75 20.06
N VAL B 82 3.15 5.65 19.40
CA VAL B 82 2.27 4.48 19.30
C VAL B 82 2.98 3.35 20.02
N ILE B 83 2.34 2.78 21.04
CA ILE B 83 2.91 1.70 21.86
C ILE B 83 2.00 0.48 21.74
N ARG B 84 2.60 -0.68 21.51
CA ARG B 84 1.83 -1.89 21.32
C ARG B 84 1.01 -2.23 22.57
N GLY B 85 -0.24 -2.62 22.33
CA GLY B 85 -1.20 -2.98 23.37
C GLY B 85 -1.50 -4.48 23.35
N GLN B 86 -2.73 -4.84 23.69
CA GLN B 86 -3.11 -6.26 23.75
C GLN B 86 -3.62 -6.82 22.41
N THR B 87 -3.95 -5.97 21.45
CA THR B 87 -4.58 -6.42 20.19
C THR B 87 -3.68 -6.13 18.98
N PRO B 88 -4.05 -6.61 17.79
CA PRO B 88 -3.36 -6.23 16.55
C PRO B 88 -3.47 -4.76 16.17
N HIS B 89 -4.29 -3.97 16.85
CA HIS B 89 -4.54 -2.61 16.43
C HIS B 89 -3.29 -1.73 16.26
N PHE B 90 -2.27 -1.96 17.09
CA PHE B 90 -0.96 -1.32 16.92
C PHE B 90 -0.52 -1.37 15.46
N ASP B 91 -0.56 -2.55 14.85
CA ASP B 91 -0.13 -2.77 13.47
C ASP B 91 -0.83 -1.84 12.48
N TYR B 92 -2.15 -1.72 12.61
CA TYR B 92 -2.96 -0.95 11.66
C TYR B 92 -2.87 0.54 11.89
N VAL B 93 -2.68 0.98 13.14
CA VAL B 93 -2.33 2.38 13.38
C VAL B 93 -0.98 2.74 12.71
N CYS B 94 0.01 1.90 12.89
CA CYS B 94 1.32 2.16 12.34
C CYS B 94 1.28 2.12 10.79
N ASP B 95 0.56 1.17 10.23
CA ASP B 95 0.38 1.07 8.79
C ASP B 95 -0.27 2.34 8.22
N ALA B 96 -1.31 2.81 8.89
CA ALA B 96 -2.04 3.98 8.41
C ALA B 96 -1.13 5.20 8.40
N VAL B 97 -0.32 5.37 9.44
CA VAL B 97 0.57 6.51 9.57
C VAL B 97 1.65 6.45 8.49
N THR B 98 2.27 5.30 8.35
CA THR B 98 3.28 5.09 7.31
C THR B 98 2.75 5.41 5.92
N GLN B 99 1.59 4.84 5.59
CA GLN B 99 0.97 5.04 4.30
C GLN B 99 0.63 6.50 4.03
N GLY B 100 0.11 7.17 5.04
CA GLY B 100 -0.40 8.51 4.88
C GLY B 100 0.71 9.53 4.77
N LEU B 101 1.71 9.44 5.64
CA LEU B 101 2.84 10.39 5.62
C LEU B 101 3.59 10.26 4.32
N THR B 102 3.73 9.02 3.82
CA THR B 102 4.43 8.76 2.59
C THR B 102 3.68 9.40 1.43
N ARG B 103 2.37 9.17 1.35
CA ARG B 103 1.56 9.78 0.30
C ARG B 103 1.65 11.31 0.37
N VAL B 104 1.50 11.88 1.56
CA VAL B 104 1.46 13.34 1.68
C VAL B 104 2.77 13.93 1.17
N SER B 105 3.90 13.28 1.47
CA SER B 105 5.21 13.79 1.04
C SER B 105 5.31 13.85 -0.46
N LEU B 106 4.80 12.82 -1.13
CA LEU B 106 4.97 12.72 -2.57
C LEU B 106 3.94 13.53 -3.35
N ASP B 107 2.71 13.62 -2.83
CA ASP B 107 1.68 14.49 -3.41
C ASP B 107 2.14 15.96 -3.40
N SER B 108 2.68 16.40 -2.25
CA SER B 108 3.07 17.79 -1.98
C SER B 108 4.52 18.12 -2.36
N SER B 109 5.31 17.10 -2.70
CA SER B 109 6.72 17.28 -3.01
C SER B 109 7.41 18.03 -1.85
N THR B 110 7.08 17.64 -0.64
CA THR B 110 7.58 18.28 0.58
C THR B 110 8.07 17.21 1.56
N PRO B 111 9.25 17.35 2.17
CA PRO B 111 9.66 16.38 3.19
C PRO B 111 8.65 16.36 4.32
N ILE B 112 8.18 15.16 4.66
CA ILE B 112 7.37 14.93 5.85
C ILE B 112 8.16 13.97 6.74
N ALA B 113 8.87 14.49 7.74
CA ALA B 113 9.72 13.65 8.58
C ALA B 113 8.91 12.86 9.60
N ASN B 114 9.22 11.59 9.76
CA ASN B 114 8.49 10.69 10.64
C ASN B 114 9.15 10.58 12.02
N GLY B 115 8.65 11.35 12.96
CA GLY B 115 9.04 11.26 14.35
C GLY B 115 7.99 10.61 15.20
N VAL B 116 7.21 9.72 14.59
CA VAL B 116 6.22 8.96 15.31
C VAL B 116 6.85 7.70 15.86
N LEU B 117 7.03 7.65 17.17
CA LEU B 117 7.57 6.47 17.82
C LEU B 117 6.59 5.30 17.63
N THR B 118 7.12 4.13 17.34
CA THR B 118 6.33 2.91 17.27
C THR B 118 7.06 1.85 18.06
N THR B 119 6.67 1.67 19.32
CA THR B 119 7.41 0.80 20.22
C THR B 119 6.55 -0.31 20.81
N ASN B 120 7.22 -1.34 21.35
CA ASN B 120 6.54 -2.40 22.06
C ASN B 120 6.18 -2.04 23.49
N THR B 121 7.01 -1.21 24.11
CA THR B 121 6.84 -0.83 25.51
C THR B 121 7.01 0.67 25.73
N GLU B 122 6.52 1.12 26.86
CA GLU B 122 6.66 2.52 27.26
C GLU B 122 8.12 2.88 27.48
N GLU B 123 8.88 1.93 28.04
CA GLU B 123 10.31 2.09 28.33
C GLU B 123 11.06 2.46 27.06
N GLN B 124 10.73 1.80 25.95
CA GLN B 124 11.39 2.04 24.69
C GLN B 124 11.03 3.43 24.15
N ALA B 125 9.79 3.83 24.35
CA ALA B 125 9.34 5.13 23.87
C ALA B 125 10.10 6.24 24.62
N LEU B 126 10.20 6.11 25.95
CA LEU B 126 10.88 7.09 26.78
C LEU B 126 12.35 7.20 26.42
N ASP B 127 12.96 6.07 26.10
CA ASP B 127 14.38 6.00 25.75
C ASP B 127 14.66 6.65 24.40
N ARG B 128 13.62 7.04 23.67
CA ARG B 128 13.76 7.63 22.34
C ARG B 128 13.17 9.02 22.24
N ALA B 129 12.81 9.62 23.36
CA ALA B 129 12.13 10.91 23.36
C ALA B 129 13.02 12.05 23.85
N GLY B 130 14.30 11.77 24.09
CA GLY B 130 15.25 12.77 24.54
C GLY B 130 14.93 13.43 25.87
N LEU B 131 14.43 12.63 26.80
CA LEU B 131 14.43 12.99 28.21
C LEU B 131 15.88 12.92 28.68
N PRO B 132 16.16 13.42 29.86
CA PRO B 132 17.55 13.47 30.34
C PRO B 132 18.31 12.13 30.28
N THR B 133 17.69 11.01 30.64
CA THR B 133 18.39 9.72 30.62
C THR B 133 18.10 8.89 29.36
N SER B 134 17.41 9.48 28.39
CA SER B 134 17.14 8.81 27.12
C SER B 134 18.44 8.57 26.33
N ALA B 135 18.48 7.45 25.62
CA ALA B 135 19.59 7.15 24.74
C ALA B 135 19.59 8.06 23.51
N GLU B 136 18.42 8.51 23.08
CA GLU B 136 18.30 9.31 21.87
C GLU B 136 17.01 10.13 21.86
N ASP B 137 16.90 11.01 20.86
CA ASP B 137 15.77 11.89 20.69
C ASP B 137 15.27 11.91 19.25
N LYS B 138 14.23 11.11 18.98
CA LYS B 138 13.76 10.94 17.64
C LYS B 138 12.99 12.17 17.12
N GLY B 139 12.54 13.03 18.03
CA GLY B 139 11.92 14.29 17.65
C GLY B 139 12.94 15.27 17.08
N ALA B 140 14.08 15.42 17.77
CA ALA B 140 15.24 16.13 17.24
C ALA B 140 15.75 15.57 15.90
N GLN B 141 15.94 14.26 15.84
CA GLN B 141 16.39 13.59 14.62
C GLN B 141 15.47 13.87 13.43
N ALA B 142 14.15 13.81 13.64
CA ALA B 142 13.18 14.05 12.59
C ALA B 142 13.26 15.49 12.11
N THR B 143 13.54 16.42 13.01
CA THR B 143 13.62 17.83 12.63
C THR B 143 14.89 18.11 11.84
N VAL B 144 15.99 17.48 12.22
CA VAL B 144 17.21 17.58 11.42
C VAL B 144 16.86 17.07 10.03
N ALA B 145 16.19 15.92 9.97
CA ALA B 145 15.82 15.31 8.69
C ALA B 145 14.98 16.26 7.84
N ALA B 146 13.96 16.84 8.42
CA ALA B 146 13.07 17.73 7.69
C ALA B 146 13.82 18.92 7.13
N LEU B 147 14.60 19.58 7.97
CA LEU B 147 15.25 20.81 7.57
C LEU B 147 16.36 20.56 6.54
N ALA B 148 17.15 19.51 6.76
CA ALA B 148 18.22 19.17 5.84
C ALA B 148 17.66 18.79 4.46
N THR B 149 16.52 18.10 4.44
CA THR B 149 15.91 17.71 3.17
C THR B 149 15.32 18.92 2.44
N ALA B 150 14.74 19.84 3.17
CA ALA B 150 14.23 21.07 2.54
C ALA B 150 15.36 21.86 1.89
N LEU B 151 16.50 21.96 2.59
CA LEU B 151 17.65 22.71 2.08
C LEU B 151 18.22 22.08 0.80
N THR B 152 18.31 20.75 0.82
CA THR B 152 18.74 19.97 -0.34
C THR B 152 17.81 20.18 -1.52
N LEU B 153 16.51 20.14 -1.28
CA LEU B 153 15.52 20.34 -2.35
C LEU B 153 15.62 21.76 -2.91
N ARG B 154 15.88 22.73 -2.05
CA ARG B 154 16.02 24.13 -2.47
C ARG B 154 17.20 24.29 -3.43
N GLU B 155 18.30 23.62 -3.13
CA GLU B 155 19.48 23.70 -3.99
C GLU B 155 19.24 22.98 -5.31
N LEU B 156 18.52 21.86 -5.28
CA LEU B 156 18.20 21.14 -6.51
C LEU B 156 17.23 21.89 -7.42
N ARG B 157 16.34 22.69 -6.83
CA ARG B 157 15.25 23.31 -7.59
C ARG B 157 15.65 24.65 -8.22
N ALA B 158 14.72 25.26 -8.96
CA ALA B 158 15.01 26.42 -9.79
C ALA B 158 15.48 27.63 -8.99
N HIS B 159 16.71 28.05 -9.26
CA HIS B 159 17.18 29.32 -8.77
C HIS B 159 18.21 29.93 -9.73
N SER B 160 18.40 31.24 -9.57
CA SER B 160 19.41 31.99 -10.30
C SER B 160 20.03 33.00 -9.34
N ALA C 15 -17.87 22.87 19.13
CA ALA C 15 -17.92 21.89 18.00
C ALA C 15 -19.30 21.80 17.37
N SER C 16 -20.27 22.53 17.92
CA SER C 16 -21.65 22.53 17.43
C SER C 16 -21.82 22.80 15.93
N GLY C 17 -20.88 23.50 15.31
CA GLY C 17 -20.94 23.79 13.88
C GLY C 17 -20.41 22.72 12.93
N VAL C 18 -19.87 21.62 13.46
CA VAL C 18 -19.24 20.65 12.57
C VAL C 18 -20.26 19.63 12.09
N ARG C 19 -20.13 19.33 10.79
CA ARG C 19 -21.04 18.44 10.10
C ARG C 19 -20.43 17.07 10.18
N LEU C 20 -21.02 16.24 11.01
CA LEU C 20 -20.48 14.94 11.31
C LEU C 20 -21.27 13.82 10.63
N ALA C 21 -20.54 12.86 10.06
CA ALA C 21 -21.14 11.62 9.57
C ALA C 21 -20.51 10.41 10.27
N ILE C 22 -21.31 9.38 10.55
CA ILE C 22 -20.84 8.15 11.16
C ILE C 22 -21.27 7.00 10.29
N VAL C 23 -20.33 6.18 9.86
CA VAL C 23 -20.65 4.96 9.13
C VAL C 23 -20.19 3.76 9.95
N ALA C 24 -21.13 2.89 10.31
CA ALA C 24 -20.85 1.70 11.10
C ALA C 24 -21.26 0.42 10.37
N SER C 25 -20.35 -0.55 10.33
CA SER C 25 -20.63 -1.88 9.80
C SER C 25 -21.45 -2.66 10.81
N SER C 26 -21.90 -3.86 10.45
CA SER C 26 -22.89 -4.59 11.26
C SER C 26 -22.45 -6.01 11.68
N TRP C 27 -21.28 -6.45 11.23
CA TRP C 27 -20.71 -7.71 11.68
C TRP C 27 -20.39 -7.63 13.17
N HIS C 28 -20.88 -8.59 13.97
CA HIS C 28 -20.84 -8.47 15.44
C HIS C 28 -21.71 -7.28 15.83
N GLY C 29 -23.01 -7.43 15.57
CA GLY C 29 -23.94 -6.32 15.62
C GLY C 29 -24.06 -5.68 16.99
N LYS C 30 -24.10 -6.48 18.05
CA LYS C 30 -24.20 -5.92 19.40
C LYS C 30 -23.01 -5.02 19.73
N ILE C 31 -21.81 -5.40 19.28
CA ILE C 31 -20.63 -4.62 19.60
C ILE C 31 -20.63 -3.33 18.77
N CYS C 32 -21.00 -3.44 17.49
CA CYS C 32 -21.07 -2.29 16.59
C CYS C 32 -22.07 -1.28 17.11
N ASP C 33 -23.19 -1.75 17.63
CA ASP C 33 -24.22 -0.86 18.16
C ASP C 33 -23.70 -0.12 19.39
N ALA C 34 -22.90 -0.80 20.22
CA ALA C 34 -22.28 -0.14 21.37
C ALA C 34 -21.29 0.96 20.94
N LEU C 35 -20.42 0.70 19.96
CA LEU C 35 -19.52 1.75 19.46
C LEU C 35 -20.35 2.94 18.95
N LEU C 36 -21.46 2.65 18.29
CA LEU C 36 -22.28 3.69 17.69
C LEU C 36 -22.93 4.53 18.77
N ASP C 37 -23.32 3.87 19.87
CA ASP C 37 -23.93 4.53 21.02
C ASP C 37 -22.94 5.52 21.66
N GLY C 38 -21.68 5.12 21.74
CA GLY C 38 -20.64 5.97 22.29
C GLY C 38 -20.38 7.17 21.41
N ALA C 39 -20.35 6.93 20.11
CA ALA C 39 -20.11 8.00 19.16
C ALA C 39 -21.23 9.02 19.20
N ARG C 40 -22.47 8.54 19.24
CA ARG C 40 -23.65 9.40 19.26
C ARG C 40 -23.69 10.26 20.52
N LYS C 41 -23.34 9.66 21.66
CA LYS C 41 -23.27 10.35 22.94
C LYS C 41 -22.23 11.44 22.96
N VAL C 42 -21.05 11.19 22.40
CA VAL C 42 -20.05 12.23 22.28
C VAL C 42 -20.59 13.38 21.43
N ALA C 43 -21.18 13.06 20.30
CA ALA C 43 -21.66 14.11 19.39
C ALA C 43 -22.73 14.95 20.05
N ALA C 44 -23.66 14.30 20.73
CA ALA C 44 -24.71 15.02 21.45
C ALA C 44 -24.10 15.85 22.59
N GLY C 45 -23.06 15.32 23.22
CA GLY C 45 -22.35 16.02 24.28
C GLY C 45 -21.70 17.31 23.81
N CYS C 46 -21.25 17.32 22.56
CA CYS C 46 -20.60 18.50 21.98
C CYS C 46 -21.58 19.38 21.20
N GLY C 47 -22.88 19.16 21.41
CA GLY C 47 -23.94 20.00 20.87
C GLY C 47 -24.19 19.81 19.38
N LEU C 48 -23.85 18.64 18.87
CA LEU C 48 -23.95 18.45 17.43
C LEU C 48 -25.38 18.26 16.95
N ASP C 49 -25.66 18.92 15.82
CA ASP C 49 -26.80 18.62 14.97
C ASP C 49 -26.73 17.13 14.63
N ASP C 50 -27.81 16.40 14.93
CA ASP C 50 -28.11 15.10 14.35
C ASP C 50 -27.09 14.66 13.30
N PRO C 51 -26.11 13.83 13.69
CA PRO C 51 -25.10 13.36 12.74
C PRO C 51 -25.73 12.47 11.67
N THR C 52 -25.13 12.46 10.48
CA THR C 52 -25.58 11.57 9.42
C THR C 52 -25.08 10.18 9.78
N VAL C 53 -25.98 9.22 9.93
CA VAL C 53 -25.59 7.89 10.33
C VAL C 53 -26.02 6.84 9.29
N VAL C 54 -25.04 6.04 8.87
CA VAL C 54 -25.25 5.03 7.85
C VAL C 54 -24.72 3.69 8.32
N ARG C 55 -25.44 2.62 7.98
CA ARG C 55 -25.00 1.26 8.29
C ARG C 55 -24.58 0.54 7.00
N VAL C 56 -23.52 -0.24 7.11
CA VAL C 56 -23.09 -1.17 6.07
C VAL C 56 -22.90 -2.54 6.70
N LEU C 57 -22.72 -3.55 5.84
CA LEU C 57 -22.71 -4.94 6.31
C LEU C 57 -21.39 -5.23 7.02
N GLY C 58 -20.30 -5.17 6.27
CA GLY C 58 -18.99 -5.50 6.79
C GLY C 58 -18.01 -4.35 6.74
N ALA C 59 -16.89 -4.50 7.45
CA ALA C 59 -15.93 -3.43 7.53
C ALA C 59 -15.38 -3.02 6.14
N ILE C 60 -15.27 -3.99 5.22
CA ILE C 60 -14.77 -3.72 3.87
C ILE C 60 -15.67 -2.75 3.09
N GLU C 61 -16.95 -2.72 3.42
CA GLU C 61 -17.92 -1.81 2.78
C GLU C 61 -17.83 -0.36 3.30
N ILE C 62 -17.08 -0.14 4.37
CA ILE C 62 -17.00 1.20 4.97
C ILE C 62 -16.36 2.29 4.08
N PRO C 63 -15.17 2.05 3.53
CA PRO C 63 -14.47 3.11 2.79
C PRO C 63 -15.27 3.76 1.65
N VAL C 64 -16.01 3.01 0.86
CA VAL C 64 -16.73 3.59 -0.27
C VAL C 64 -17.90 4.47 0.20
N VAL C 65 -18.53 4.07 1.29
CA VAL C 65 -19.59 4.88 1.88
C VAL C 65 -19.00 6.10 2.61
N ALA C 66 -17.84 5.92 3.24
CA ALA C 66 -17.14 7.05 3.87
C ALA C 66 -16.71 8.09 2.82
N GLN C 67 -16.35 7.61 1.63
CA GLN C 67 -15.99 8.48 0.53
C GLN C 67 -17.17 9.34 0.14
N GLU C 68 -18.36 8.73 0.01
CA GLU C 68 -19.54 9.49 -0.31
C GLU C 68 -19.83 10.56 0.75
N LEU C 69 -19.74 10.16 2.01
CA LEU C 69 -20.07 11.05 3.14
C LEU C 69 -19.10 12.22 3.29
N ALA C 70 -17.82 11.99 2.95
CA ALA C 70 -16.80 13.03 3.07
C ALA C 70 -17.01 14.17 2.09
N ARG C 71 -17.83 13.95 1.06
CA ARG C 71 -18.18 14.99 0.13
C ARG C 71 -19.03 16.09 0.77
N ASN C 72 -19.81 15.73 1.79
CA ASN C 72 -20.82 16.62 2.37
C ASN C 72 -20.66 16.86 3.89
N HIS C 73 -19.55 16.39 4.47
CA HIS C 73 -19.30 16.49 5.93
C HIS C 73 -17.85 16.97 6.24
N ASP C 74 -17.67 17.59 7.41
CA ASP C 74 -16.37 18.06 7.90
C ASP C 74 -15.57 16.92 8.51
N ALA C 75 -16.26 15.85 8.87
CA ALA C 75 -15.59 14.68 9.43
C ALA C 75 -16.46 13.43 9.36
N VAL C 76 -15.82 12.28 9.27
CA VAL C 76 -16.50 11.01 9.23
C VAL C 76 -15.88 10.09 10.27
N VAL C 77 -16.71 9.40 11.03
CA VAL C 77 -16.27 8.40 12.00
C VAL C 77 -16.63 7.04 11.42
N ALA C 78 -15.63 6.16 11.32
CA ALA C 78 -15.79 4.80 10.83
C ALA C 78 -15.83 3.86 12.01
N LEU C 79 -16.88 3.06 12.14
CA LEU C 79 -17.06 2.16 13.27
C LEU C 79 -17.26 0.76 12.75
N GLY C 80 -16.67 -0.22 13.43
CA GLY C 80 -16.92 -1.62 13.12
C GLY C 80 -16.11 -2.53 14.00
N VAL C 81 -16.27 -3.84 13.80
CA VAL C 81 -15.64 -4.84 14.64
C VAL C 81 -15.09 -5.93 13.78
N VAL C 82 -13.77 -6.11 13.80
CA VAL C 82 -13.15 -7.23 13.10
C VAL C 82 -12.46 -8.10 14.13
N ILE C 83 -12.85 -9.35 14.22
CA ILE C 83 -12.26 -10.29 15.19
C ILE C 83 -11.60 -11.46 14.47
N ARG C 84 -10.37 -11.77 14.85
CA ARG C 84 -9.64 -12.86 14.19
C ARG C 84 -10.35 -14.19 14.33
N GLY C 85 -10.42 -14.92 13.22
CA GLY C 85 -11.03 -16.23 13.13
C GLY C 85 -9.97 -17.28 12.86
N GLN C 86 -10.38 -18.38 12.25
CA GLN C 86 -9.49 -19.52 12.01
C GLN C 86 -8.50 -19.29 10.88
N THR C 87 -8.81 -18.37 9.96
CA THR C 87 -8.05 -18.19 8.72
C THR C 87 -7.33 -16.83 8.66
N PRO C 88 -6.49 -16.63 7.64
CA PRO C 88 -5.87 -15.31 7.40
C PRO C 88 -6.81 -14.17 7.02
N HIS C 89 -8.11 -14.44 6.88
CA HIS C 89 -9.05 -13.46 6.35
C HIS C 89 -9.07 -12.15 7.16
N PHE C 90 -8.95 -12.29 8.48
CA PHE C 90 -8.90 -11.13 9.38
C PHE C 90 -7.86 -10.10 8.89
N ASP C 91 -6.67 -10.59 8.56
CA ASP C 91 -5.57 -9.74 8.13
C ASP C 91 -5.91 -8.90 6.89
N TYR C 92 -6.59 -9.51 5.91
CA TYR C 92 -6.95 -8.82 4.67
C TYR C 92 -8.13 -7.89 4.83
N VAL C 93 -9.08 -8.24 5.70
CA VAL C 93 -10.15 -7.32 6.05
C VAL C 93 -9.54 -6.04 6.65
N CYS C 94 -8.65 -6.21 7.61
CA CYS C 94 -8.04 -5.05 8.28
C CYS C 94 -7.17 -4.25 7.31
N ASP C 95 -6.43 -4.94 6.45
CA ASP C 95 -5.58 -4.24 5.45
C ASP C 95 -6.45 -3.36 4.54
N ALA C 96 -7.58 -3.88 4.11
CA ALA C 96 -8.45 -3.14 3.20
C ALA C 96 -9.01 -1.89 3.86
N VAL C 97 -9.45 -2.02 5.10
CA VAL C 97 -10.03 -0.93 5.85
C VAL C 97 -8.98 0.17 6.07
N THR C 98 -7.79 -0.22 6.47
CA THR C 98 -6.69 0.70 6.70
C THR C 98 -6.32 1.47 5.42
N GLN C 99 -6.14 0.74 4.32
CA GLN C 99 -5.77 1.36 3.07
C GLN C 99 -6.88 2.30 2.57
N GLY C 100 -8.13 1.87 2.75
CA GLY C 100 -9.27 2.60 2.22
C GLY C 100 -9.53 3.90 2.95
N LEU C 101 -9.59 3.82 4.27
CA LEU C 101 -9.85 4.98 5.10
C LEU C 101 -8.75 6.02 4.95
N THR C 102 -7.51 5.57 4.91
CA THR C 102 -6.38 6.44 4.74
C THR C 102 -6.49 7.16 3.39
N ARG C 103 -6.78 6.43 2.31
CA ARG C 103 -6.95 7.04 1.02
C ARG C 103 -8.10 8.06 1.01
N VAL C 104 -9.23 7.68 1.58
CA VAL C 104 -10.40 8.54 1.55
C VAL C 104 -10.12 9.87 2.27
N SER C 105 -9.45 9.80 3.43
CA SER C 105 -9.10 11.00 4.21
C SER C 105 -8.24 11.96 3.41
N LEU C 106 -7.24 11.44 2.71
CA LEU C 106 -6.34 12.30 1.94
C LEU C 106 -6.94 12.80 0.60
N ASP C 107 -7.73 11.97 -0.07
CA ASP C 107 -8.45 12.39 -1.28
C ASP C 107 -9.38 13.56 -0.97
N SER C 108 -10.08 13.48 0.15
CA SER C 108 -11.15 14.43 0.50
C SER C 108 -10.67 15.53 1.42
N SER C 109 -9.43 15.40 1.88
CA SER C 109 -8.85 16.29 2.87
C SER C 109 -9.80 16.45 4.07
N THR C 110 -10.36 15.33 4.51
CA THR C 110 -11.34 15.28 5.59
C THR C 110 -10.90 14.21 6.61
N PRO C 111 -10.96 14.50 7.90
CA PRO C 111 -10.65 13.48 8.90
C PRO C 111 -11.60 12.28 8.79
N ILE C 112 -11.03 11.10 8.68
CA ILE C 112 -11.77 9.85 8.77
C ILE C 112 -11.26 9.15 10.02
N ALA C 113 -12.00 9.23 11.12
CA ALA C 113 -11.54 8.63 12.37
C ALA C 113 -11.79 7.13 12.34
N ASN C 114 -10.83 6.37 12.83
CA ASN C 114 -10.87 4.93 12.74
C ASN C 114 -11.29 4.34 14.08
N GLY C 115 -12.59 4.07 14.22
CA GLY C 115 -13.13 3.35 15.36
C GLY C 115 -13.51 1.94 14.98
N VAL C 116 -12.73 1.33 14.09
CA VAL C 116 -12.92 -0.06 13.71
C VAL C 116 -12.03 -0.93 14.61
N LEU C 117 -12.65 -1.70 15.49
CA LEU C 117 -11.89 -2.56 16.40
C LEU C 117 -11.25 -3.68 15.60
N THR C 118 -10.02 -4.03 15.94
CA THR C 118 -9.36 -5.16 15.32
C THR C 118 -8.72 -6.00 16.41
N THR C 119 -9.44 -7.01 16.86
CA THR C 119 -9.03 -7.80 18.00
C THR C 119 -8.81 -9.27 17.64
N ASN C 120 -8.13 -9.98 18.54
CA ASN C 120 -8.02 -11.42 18.47
C ASN C 120 -9.22 -12.13 19.08
N THR C 121 -9.87 -11.53 20.07
CA THR C 121 -11.01 -12.17 20.75
C THR C 121 -12.22 -11.27 20.92
N GLU C 122 -13.35 -11.92 21.19
CA GLU C 122 -14.60 -11.22 21.44
C GLU C 122 -14.50 -10.41 22.75
N GLU C 123 -13.84 -10.98 23.75
CA GLU C 123 -13.65 -10.27 25.03
C GLU C 123 -12.90 -8.94 24.81
N GLN C 124 -11.89 -8.94 23.94
CA GLN C 124 -11.12 -7.72 23.69
C GLN C 124 -11.96 -6.61 23.05
N ALA C 125 -12.83 -6.99 22.14
CA ALA C 125 -13.70 -6.04 21.46
C ALA C 125 -14.73 -5.49 22.43
N LEU C 126 -15.31 -6.34 23.29
CA LEU C 126 -16.30 -5.93 24.28
C LEU C 126 -15.70 -4.91 25.27
N ASP C 127 -14.44 -5.13 25.61
CA ASP C 127 -13.68 -4.31 26.54
C ASP C 127 -13.34 -2.92 25.96
N ARG C 128 -13.49 -2.80 24.64
CA ARG C 128 -13.19 -1.57 23.91
C ARG C 128 -14.43 -0.89 23.32
N ALA C 129 -15.62 -1.38 23.67
CA ALA C 129 -16.88 -0.88 23.09
C ALA C 129 -17.74 -0.04 24.06
N GLY C 130 -17.19 0.25 25.22
CA GLY C 130 -17.78 1.17 26.17
C GLY C 130 -19.13 0.76 26.76
N LEU C 131 -19.30 -0.53 27.00
CA LEU C 131 -20.39 -1.04 27.84
C LEU C 131 -19.99 -0.73 29.30
N PRO C 132 -20.88 -0.96 30.27
CA PRO C 132 -20.58 -0.61 31.66
C PRO C 132 -19.30 -1.23 32.24
N THR C 133 -19.00 -2.49 31.93
CA THR C 133 -17.79 -3.14 32.44
C THR C 133 -16.55 -2.97 31.52
N SER C 134 -16.69 -2.20 30.44
CA SER C 134 -15.61 -1.96 29.49
C SER C 134 -14.57 -0.99 30.03
N ALA C 135 -13.29 -1.28 29.77
CA ALA C 135 -12.19 -0.40 30.17
C ALA C 135 -12.13 0.89 29.29
N GLU C 136 -12.62 0.77 28.06
CA GLU C 136 -12.52 1.81 27.04
C GLU C 136 -13.76 1.87 26.15
N ASP C 137 -13.96 3.00 25.48
CA ASP C 137 -14.96 3.13 24.41
C ASP C 137 -14.31 3.77 23.19
N LYS C 138 -13.94 2.97 22.20
CA LYS C 138 -13.21 3.49 21.05
C LYS C 138 -14.14 4.19 20.06
N GLY C 139 -15.44 3.95 20.14
CA GLY C 139 -16.42 4.71 19.39
C GLY C 139 -16.46 6.17 19.84
N ALA C 140 -16.48 6.39 21.16
CA ALA C 140 -16.36 7.72 21.74
C ALA C 140 -15.02 8.38 21.39
N GLN C 141 -13.93 7.66 21.58
CA GLN C 141 -12.60 8.18 21.27
C GLN C 141 -12.51 8.66 19.83
N ALA C 142 -13.04 7.86 18.91
CA ALA C 142 -12.97 8.16 17.51
C ALA C 142 -13.75 9.41 17.14
N THR C 143 -14.88 9.63 17.82
CA THR C 143 -15.69 10.80 17.55
C THR C 143 -15.01 12.07 18.08
N VAL C 144 -14.37 11.98 19.23
CA VAL C 144 -13.55 13.06 19.76
C VAL C 144 -12.44 13.38 18.73
N ALA C 145 -11.73 12.36 18.24
CA ALA C 145 -10.64 12.61 17.27
C ALA C 145 -11.14 13.31 16.00
N ALA C 146 -12.29 12.85 15.50
CA ALA C 146 -12.91 13.42 14.32
C ALA C 146 -13.25 14.88 14.50
N LEU C 147 -13.84 15.22 15.65
CA LEU C 147 -14.31 16.57 15.89
C LEU C 147 -13.13 17.50 16.13
N ALA C 148 -12.20 17.07 16.97
CA ALA C 148 -10.99 17.84 17.25
C ALA C 148 -10.21 18.15 15.99
N THR C 149 -10.12 17.20 15.06
CA THR C 149 -9.35 17.39 13.84
C THR C 149 -10.07 18.33 12.90
N ALA C 150 -11.39 18.20 12.82
CA ALA C 150 -12.20 19.11 11.98
C ALA C 150 -12.04 20.54 12.45
N LEU C 151 -12.09 20.76 13.76
CA LEU C 151 -11.91 22.10 14.32
C LEU C 151 -10.54 22.71 14.04
N THR C 152 -9.51 21.91 14.20
CA THR C 152 -8.13 22.28 13.86
C THR C 152 -7.97 22.68 12.39
N LEU C 153 -8.53 21.89 11.49
CA LEU C 153 -8.43 22.19 10.06
C LEU C 153 -9.17 23.47 9.70
N ARG C 154 -10.32 23.71 10.34
CA ARG C 154 -11.10 24.94 10.14
C ARG C 154 -10.24 26.16 10.53
N GLU C 155 -9.51 26.01 11.62
CA GLU C 155 -8.69 27.08 12.16
C GLU C 155 -7.47 27.33 11.27
N LEU C 156 -6.94 26.27 10.67
CA LEU C 156 -5.81 26.36 9.76
C LEU C 156 -6.17 26.96 8.41
N ARG C 157 -7.44 26.81 7.99
CA ARG C 157 -7.86 27.12 6.62
C ARG C 157 -8.33 28.58 6.47
N ALA C 158 -8.76 28.95 5.26
CA ALA C 158 -9.04 30.34 4.93
C ALA C 158 -10.24 30.84 5.68
N HIS C 159 -10.03 31.91 6.44
CA HIS C 159 -11.08 32.60 7.14
C HIS C 159 -10.59 34.02 7.45
N SER C 160 -11.45 34.80 8.11
CA SER C 160 -11.21 36.21 8.36
C SER C 160 -9.85 36.48 9.01
N ASP D 14 -35.13 -4.58 -1.82
CA ASP D 14 -35.53 -4.65 -3.26
C ASP D 14 -34.47 -4.04 -4.20
N ALA D 15 -33.69 -4.92 -4.84
CA ALA D 15 -32.57 -4.52 -5.65
C ALA D 15 -32.85 -4.70 -7.12
N SER D 16 -34.13 -4.75 -7.52
CA SER D 16 -34.49 -5.02 -8.90
C SER D 16 -33.82 -4.05 -9.89
N GLY D 17 -33.70 -2.77 -9.50
CA GLY D 17 -33.06 -1.78 -10.35
C GLY D 17 -31.52 -1.81 -10.38
N VAL D 18 -30.87 -2.49 -9.45
CA VAL D 18 -29.42 -2.42 -9.40
C VAL D 18 -28.75 -3.34 -10.43
N ARG D 19 -27.70 -2.80 -11.04
CA ARG D 19 -26.92 -3.47 -12.05
C ARG D 19 -25.72 -4.14 -11.38
N LEU D 20 -25.78 -5.46 -11.33
CA LEU D 20 -24.82 -6.25 -10.60
C LEU D 20 -23.95 -7.02 -11.59
N ALA D 21 -22.64 -7.00 -11.33
CA ALA D 21 -21.68 -7.83 -12.03
C ALA D 21 -21.01 -8.74 -11.01
N ILE D 22 -20.65 -9.95 -11.43
CA ILE D 22 -19.94 -10.90 -10.60
C ILE D 22 -18.72 -11.39 -11.36
N VAL D 23 -17.53 -11.23 -10.81
CA VAL D 23 -16.35 -11.78 -11.46
C VAL D 23 -15.76 -12.86 -10.55
N ALA D 24 -15.60 -14.06 -11.09
CA ALA D 24 -15.12 -15.19 -10.29
C ALA D 24 -13.91 -15.82 -10.93
N SER D 25 -12.86 -16.00 -10.15
CA SER D 25 -11.70 -16.75 -10.62
C SER D 25 -12.00 -18.27 -10.64
N SER D 26 -11.05 -19.07 -11.08
CA SER D 26 -11.29 -20.46 -11.38
C SER D 26 -10.33 -21.45 -10.72
N TRP D 27 -9.31 -20.95 -10.02
CA TRP D 27 -8.43 -21.82 -9.24
C TRP D 27 -9.29 -22.41 -8.13
N HIS D 28 -9.25 -23.73 -7.96
CA HIS D 28 -10.12 -24.44 -7.02
C HIS D 28 -11.55 -24.29 -7.50
N GLY D 29 -11.80 -24.85 -8.69
CA GLY D 29 -12.99 -24.60 -9.48
C GLY D 29 -14.30 -25.05 -8.86
N LYS D 30 -14.30 -26.21 -8.22
CA LYS D 30 -15.52 -26.71 -7.57
C LYS D 30 -15.94 -25.72 -6.48
N ILE D 31 -14.98 -25.17 -5.75
CA ILE D 31 -15.27 -24.25 -4.66
C ILE D 31 -15.70 -22.90 -5.25
N CYS D 32 -15.05 -22.48 -6.33
CA CYS D 32 -15.42 -21.23 -6.99
C CYS D 32 -16.86 -21.28 -7.49
N ASP D 33 -17.24 -22.40 -8.11
CA ASP D 33 -18.59 -22.59 -8.63
C ASP D 33 -19.64 -22.54 -7.52
N ALA D 34 -19.29 -23.09 -6.37
CA ALA D 34 -20.14 -23.09 -5.19
C ALA D 34 -20.35 -21.64 -4.70
N LEU D 35 -19.31 -20.84 -4.64
CA LEU D 35 -19.45 -19.44 -4.29
C LEU D 35 -20.36 -18.72 -5.28
N LEU D 36 -20.19 -19.02 -6.56
CA LEU D 36 -20.96 -18.36 -7.60
C LEU D 36 -22.44 -18.75 -7.51
N ASP D 37 -22.69 -20.01 -7.20
CA ASP D 37 -24.03 -20.50 -6.98
C ASP D 37 -24.76 -19.70 -5.89
N GLY D 38 -24.08 -19.44 -4.78
CA GLY D 38 -24.64 -18.67 -3.68
C GLY D 38 -24.88 -17.23 -4.08
N ALA D 39 -23.93 -16.66 -4.82
CA ALA D 39 -24.06 -15.31 -5.34
C ALA D 39 -25.27 -15.13 -6.26
N ARG D 40 -25.43 -16.04 -7.22
CA ARG D 40 -26.52 -15.99 -8.18
C ARG D 40 -27.87 -16.15 -7.50
N LYS D 41 -27.93 -16.98 -6.48
CA LYS D 41 -29.19 -17.22 -5.76
C LYS D 41 -29.62 -15.99 -4.97
N VAL D 42 -28.66 -15.34 -4.32
CA VAL D 42 -28.93 -14.05 -3.68
C VAL D 42 -29.44 -13.02 -4.69
N ALA D 43 -28.73 -12.85 -5.81
CA ALA D 43 -29.16 -11.90 -6.84
C ALA D 43 -30.60 -12.20 -7.31
N ALA D 44 -30.92 -13.47 -7.56
CA ALA D 44 -32.23 -13.83 -8.09
C ALA D 44 -33.34 -13.59 -7.07
N GLY D 45 -33.03 -13.86 -5.80
CA GLY D 45 -33.94 -13.65 -4.69
C GLY D 45 -34.23 -12.18 -4.55
N CYS D 46 -33.25 -11.34 -4.84
CA CYS D 46 -33.45 -9.89 -4.82
C CYS D 46 -34.07 -9.31 -6.10
N GLY D 47 -34.47 -10.16 -7.04
CA GLY D 47 -35.10 -9.72 -8.28
C GLY D 47 -34.16 -9.57 -9.49
N LEU D 48 -32.95 -10.10 -9.41
CA LEU D 48 -31.93 -10.02 -10.47
C LEU D 48 -31.59 -11.42 -11.03
N ASP D 49 -32.29 -11.77 -12.10
CA ASP D 49 -32.10 -13.07 -12.77
C ASP D 49 -30.91 -13.11 -13.71
N ASP D 50 -30.41 -11.94 -14.13
CA ASP D 50 -29.34 -11.91 -15.14
C ASP D 50 -28.27 -10.90 -14.81
N PRO D 51 -27.55 -11.14 -13.71
CA PRO D 51 -26.35 -10.36 -13.42
C PRO D 51 -25.31 -10.64 -14.50
N THR D 52 -24.44 -9.69 -14.75
CA THR D 52 -23.29 -9.90 -15.63
C THR D 52 -22.30 -10.81 -14.90
N VAL D 53 -21.97 -11.96 -15.47
CA VAL D 53 -21.03 -12.88 -14.83
C VAL D 53 -19.85 -13.13 -15.76
N VAL D 54 -18.65 -12.98 -15.20
CA VAL D 54 -17.42 -13.10 -15.94
C VAL D 54 -16.49 -14.01 -15.16
N ARG D 55 -15.84 -14.96 -15.84
CA ARG D 55 -14.84 -15.81 -15.20
C ARG D 55 -13.41 -15.39 -15.58
N VAL D 56 -12.50 -15.43 -14.61
CA VAL D 56 -11.07 -15.27 -14.85
C VAL D 56 -10.29 -16.48 -14.28
N LEU D 57 -9.01 -16.55 -14.63
CA LEU D 57 -8.18 -17.70 -14.27
C LEU D 57 -7.90 -17.71 -12.76
N GLY D 58 -7.09 -16.75 -12.30
CA GLY D 58 -6.69 -16.65 -10.91
C GLY D 58 -7.17 -15.39 -10.23
N ALA D 59 -7.10 -15.36 -8.90
CA ALA D 59 -7.53 -14.19 -8.13
C ALA D 59 -6.83 -12.89 -8.55
N ILE D 60 -5.59 -12.98 -9.00
CA ILE D 60 -4.82 -11.78 -9.35
C ILE D 60 -5.42 -11.08 -10.58
N GLU D 61 -6.08 -11.87 -11.41
CA GLU D 61 -6.77 -11.36 -12.62
C GLU D 61 -8.09 -10.63 -12.32
N ILE D 62 -8.59 -10.75 -11.10
CA ILE D 62 -9.89 -10.18 -10.75
C ILE D 62 -9.95 -8.64 -10.83
N PRO D 63 -9.03 -7.90 -10.19
CA PRO D 63 -9.17 -6.45 -10.12
C PRO D 63 -9.25 -5.73 -11.46
N VAL D 64 -8.51 -6.11 -12.49
CA VAL D 64 -8.57 -5.40 -13.77
C VAL D 64 -9.93 -5.63 -14.44
N VAL D 65 -10.49 -6.83 -14.26
CA VAL D 65 -11.80 -7.13 -14.79
C VAL D 65 -12.89 -6.42 -13.95
N ALA D 66 -12.73 -6.41 -12.63
CA ALA D 66 -13.64 -5.68 -11.77
C ALA D 66 -13.66 -4.19 -12.17
N GLN D 67 -12.50 -3.67 -12.53
CA GLN D 67 -12.39 -2.28 -12.95
C GLN D 67 -13.24 -2.03 -14.20
N GLU D 68 -13.14 -2.93 -15.18
CA GLU D 68 -13.95 -2.81 -16.37
C GLU D 68 -15.45 -2.87 -16.03
N LEU D 69 -15.82 -3.81 -15.17
CA LEU D 69 -17.25 -4.00 -14.83
C LEU D 69 -17.83 -2.81 -14.04
N ALA D 70 -17.01 -2.21 -13.20
CA ALA D 70 -17.44 -1.06 -12.40
C ALA D 70 -17.85 0.12 -13.26
N ARG D 71 -17.35 0.22 -14.49
CA ARG D 71 -17.75 1.34 -15.35
C ARG D 71 -19.21 1.30 -15.79
N ASN D 72 -19.83 0.13 -15.65
CA ASN D 72 -21.14 -0.13 -16.25
C ASN D 72 -22.13 -0.77 -15.25
N HIS D 73 -21.70 -0.97 -14.00
CA HIS D 73 -22.48 -1.62 -12.94
C HIS D 73 -22.46 -0.80 -11.65
N ASP D 74 -23.47 -1.03 -10.80
CA ASP D 74 -23.61 -0.36 -9.51
C ASP D 74 -22.93 -1.11 -8.39
N ALA D 75 -22.62 -2.38 -8.65
CA ALA D 75 -21.90 -3.19 -7.68
C ALA D 75 -21.24 -4.36 -8.42
N VAL D 76 -20.08 -4.75 -7.91
CA VAL D 76 -19.35 -5.88 -8.43
C VAL D 76 -19.03 -6.78 -7.27
N VAL D 77 -19.20 -8.09 -7.46
CA VAL D 77 -18.86 -9.09 -6.47
C VAL D 77 -17.62 -9.85 -6.97
N ALA D 78 -16.55 -9.88 -6.18
CA ALA D 78 -15.34 -10.62 -6.54
C ALA D 78 -15.37 -11.96 -5.83
N LEU D 79 -15.30 -13.05 -6.58
CA LEU D 79 -15.26 -14.38 -5.97
C LEU D 79 -14.01 -15.14 -6.36
N GLY D 80 -13.48 -15.91 -5.44
CA GLY D 80 -12.37 -16.79 -5.73
C GLY D 80 -11.87 -17.48 -4.49
N VAL D 81 -10.80 -18.24 -4.65
CA VAL D 81 -10.34 -19.10 -3.58
C VAL D 81 -8.83 -19.13 -3.63
N VAL D 82 -8.20 -18.62 -2.59
CA VAL D 82 -6.74 -18.66 -2.45
C VAL D 82 -6.43 -19.50 -1.23
N ILE D 83 -5.71 -20.61 -1.42
CA ILE D 83 -5.32 -21.48 -0.33
C ILE D 83 -3.80 -21.54 -0.17
N ARG D 84 -3.33 -21.40 1.06
CA ARG D 84 -1.91 -21.36 1.36
C ARG D 84 -1.25 -22.67 0.92
N GLY D 85 -0.17 -22.54 0.17
CA GLY D 85 0.63 -23.66 -0.27
C GLY D 85 1.91 -23.72 0.53
N GLN D 86 2.97 -24.19 -0.10
CA GLN D 86 4.26 -24.39 0.55
C GLN D 86 5.11 -23.11 0.65
N THR D 87 4.83 -22.14 -0.23
CA THR D 87 5.64 -20.92 -0.33
C THR D 87 4.94 -19.68 0.23
N PRO D 88 5.68 -18.57 0.34
CA PRO D 88 5.08 -17.27 0.65
C PRO D 88 4.17 -16.70 -0.43
N HIS D 89 4.04 -17.35 -1.58
CA HIS D 89 3.24 -16.81 -2.69
C HIS D 89 1.80 -16.46 -2.31
N PHE D 90 1.22 -17.27 -1.44
CA PHE D 90 -0.11 -17.02 -0.92
C PHE D 90 -0.26 -15.58 -0.44
N ASP D 91 0.73 -15.13 0.33
CA ASP D 91 0.68 -13.78 0.94
C ASP D 91 0.61 -12.70 -0.12
N TYR D 92 1.36 -12.87 -1.21
CA TYR D 92 1.40 -11.84 -2.25
C TYR D 92 0.22 -11.86 -3.18
N VAL D 93 -0.37 -13.04 -3.38
CA VAL D 93 -1.61 -13.12 -4.13
C VAL D 93 -2.69 -12.35 -3.37
N CYS D 94 -2.83 -12.66 -2.09
CA CYS D 94 -3.82 -12.01 -1.24
C CYS D 94 -3.57 -10.51 -1.15
N ASP D 95 -2.30 -10.10 -1.04
CA ASP D 95 -1.97 -8.67 -1.01
C ASP D 95 -2.46 -7.97 -2.29
N ALA D 96 -2.18 -8.59 -3.44
CA ALA D 96 -2.55 -8.01 -4.72
C ALA D 96 -4.06 -7.82 -4.82
N VAL D 97 -4.82 -8.85 -4.42
CA VAL D 97 -6.29 -8.81 -4.46
C VAL D 97 -6.82 -7.69 -3.58
N THR D 98 -6.30 -7.61 -2.36
CA THR D 98 -6.71 -6.57 -1.42
C THR D 98 -6.43 -5.15 -1.94
N GLN D 99 -5.21 -4.90 -2.37
CA GLN D 99 -4.85 -3.57 -2.86
C GLN D 99 -5.66 -3.22 -4.10
N GLY D 100 -5.89 -4.21 -4.95
CA GLY D 100 -6.57 -4.00 -6.22
C GLY D 100 -8.05 -3.67 -6.08
N LEU D 101 -8.78 -4.47 -5.35
CA LEU D 101 -10.21 -4.30 -5.18
C LEU D 101 -10.49 -2.99 -4.43
N THR D 102 -9.63 -2.69 -3.47
CA THR D 102 -9.79 -1.50 -2.67
C THR D 102 -9.63 -0.25 -3.54
N ARG D 103 -8.59 -0.23 -4.36
CA ARG D 103 -8.40 0.87 -5.30
C ARG D 103 -9.55 1.02 -6.33
N VAL D 104 -9.96 -0.09 -6.93
CA VAL D 104 -11.05 -0.07 -7.91
C VAL D 104 -12.32 0.48 -7.25
N SER D 105 -12.63 0.08 -6.02
CA SER D 105 -13.85 0.56 -5.36
C SER D 105 -13.85 2.07 -5.24
N LEU D 106 -12.69 2.61 -4.86
CA LEU D 106 -12.58 4.02 -4.55
C LEU D 106 -12.41 4.89 -5.80
N ASP D 107 -11.67 4.39 -6.79
CA ASP D 107 -11.55 5.04 -8.11
C ASP D 107 -12.93 5.17 -8.77
N SER D 108 -13.72 4.11 -8.70
CA SER D 108 -15.01 4.02 -9.42
C SER D 108 -16.19 4.42 -8.54
N SER D 109 -15.92 4.64 -7.25
CA SER D 109 -16.98 4.96 -6.28
C SER D 109 -18.13 3.93 -6.34
N THR D 110 -17.76 2.66 -6.41
CA THR D 110 -18.66 1.54 -6.61
C THR D 110 -18.27 0.46 -5.61
N PRO D 111 -19.23 -0.14 -4.90
CA PRO D 111 -18.90 -1.25 -4.01
C PRO D 111 -18.31 -2.42 -4.77
N ILE D 112 -17.18 -2.92 -4.29
CA ILE D 112 -16.58 -4.15 -4.78
C ILE D 112 -16.50 -5.10 -3.58
N ALA D 113 -17.45 -6.03 -3.52
CA ALA D 113 -17.55 -6.96 -2.41
C ALA D 113 -16.46 -8.01 -2.55
N ASN D 114 -15.82 -8.34 -1.45
CA ASN D 114 -14.70 -9.26 -1.46
C ASN D 114 -15.20 -10.59 -0.94
N GLY D 115 -15.54 -11.47 -1.87
CA GLY D 115 -15.89 -12.85 -1.58
C GLY D 115 -14.77 -13.75 -2.04
N VAL D 116 -13.53 -13.26 -1.95
CA VAL D 116 -12.39 -14.06 -2.30
C VAL D 116 -11.91 -14.74 -1.02
N LEU D 117 -12.08 -16.04 -0.94
CA LEU D 117 -11.61 -16.79 0.20
C LEU D 117 -10.07 -16.81 0.26
N THR D 118 -9.54 -16.60 1.47
CA THR D 118 -8.11 -16.71 1.72
C THR D 118 -7.95 -17.61 2.95
N THR D 119 -7.68 -18.90 2.75
CA THR D 119 -7.60 -19.87 3.84
C THR D 119 -6.25 -20.59 3.90
N ASN D 120 -5.96 -21.20 5.04
CA ASN D 120 -4.78 -22.04 5.21
C ASN D 120 -4.98 -23.42 4.59
N THR D 121 -6.20 -23.92 4.60
CA THR D 121 -6.53 -25.28 4.14
C THR D 121 -7.73 -25.33 3.21
N GLU D 122 -7.85 -26.45 2.52
CA GLU D 122 -9.00 -26.73 1.69
C GLU D 122 -10.30 -26.88 2.47
N GLU D 123 -10.24 -27.62 3.58
CA GLU D 123 -11.38 -27.81 4.47
C GLU D 123 -11.98 -26.47 4.93
N GLN D 124 -11.12 -25.51 5.24
CA GLN D 124 -11.57 -24.15 5.56
C GLN D 124 -12.28 -23.47 4.38
N ALA D 125 -11.72 -23.56 3.18
CA ALA D 125 -12.36 -22.99 2.00
C ALA D 125 -13.74 -23.65 1.75
N LEU D 126 -13.83 -24.98 1.87
CA LEU D 126 -15.09 -25.71 1.66
C LEU D 126 -16.17 -25.30 2.66
N ASP D 127 -15.75 -25.07 3.89
CA ASP D 127 -16.63 -24.72 4.97
C ASP D 127 -17.22 -23.31 4.82
N ARG D 128 -16.65 -22.51 3.93
CA ARG D 128 -17.08 -21.13 3.68
C ARG D 128 -17.70 -20.92 2.28
N ALA D 129 -18.00 -22.01 1.60
CA ALA D 129 -18.45 -21.94 0.20
C ALA D 129 -19.93 -22.31 0.02
N GLY D 130 -20.63 -22.56 1.12
CA GLY D 130 -22.06 -22.79 1.13
C GLY D 130 -22.50 -24.08 0.44
N LEU D 131 -21.69 -25.13 0.60
CA LEU D 131 -22.07 -26.49 0.20
C LEU D 131 -23.03 -27.02 1.26
N PRO D 132 -23.68 -28.17 1.03
CA PRO D 132 -24.58 -28.75 2.03
C PRO D 132 -24.07 -28.79 3.47
N THR D 133 -22.82 -29.20 3.72
CA THR D 133 -22.30 -29.29 5.10
C THR D 133 -21.50 -28.05 5.60
N SER D 134 -21.49 -26.97 4.82
CA SER D 134 -20.70 -25.77 5.15
C SER D 134 -21.30 -24.92 6.27
N ALA D 135 -20.45 -24.35 7.10
CA ALA D 135 -20.89 -23.45 8.15
C ALA D 135 -21.45 -22.13 7.58
N GLU D 136 -20.95 -21.70 6.43
CA GLU D 136 -21.38 -20.43 5.81
C GLU D 136 -21.10 -20.36 4.31
N ASP D 137 -21.69 -19.37 3.64
CA ASP D 137 -21.51 -19.12 2.20
C ASP D 137 -21.06 -17.69 2.01
N LYS D 138 -19.76 -17.51 1.75
CA LYS D 138 -19.21 -16.17 1.62
C LYS D 138 -19.50 -15.59 0.24
N GLY D 139 -19.84 -16.42 -0.75
CA GLY D 139 -20.31 -15.95 -2.04
C GLY D 139 -21.62 -15.20 -1.88
N ALA D 140 -22.57 -15.85 -1.21
CA ALA D 140 -23.83 -15.24 -0.80
C ALA D 140 -23.64 -14.00 0.08
N GLN D 141 -22.78 -14.06 1.09
CA GLN D 141 -22.52 -12.90 1.96
C GLN D 141 -21.98 -11.72 1.14
N ALA D 142 -21.02 -11.99 0.29
CA ALA D 142 -20.45 -10.93 -0.55
C ALA D 142 -21.49 -10.25 -1.44
N THR D 143 -22.48 -11.02 -1.90
CA THR D 143 -23.50 -10.49 -2.80
C THR D 143 -24.51 -9.60 -2.06
N VAL D 144 -24.90 -10.03 -0.87
CA VAL D 144 -25.68 -9.18 0.02
C VAL D 144 -24.92 -7.86 0.29
N ALA D 145 -23.61 -7.95 0.51
CA ALA D 145 -22.82 -6.77 0.83
C ALA D 145 -22.79 -5.79 -0.34
N ALA D 146 -22.60 -6.31 -1.53
CA ALA D 146 -22.56 -5.50 -2.72
C ALA D 146 -23.86 -4.77 -2.97
N LEU D 147 -24.96 -5.52 -2.94
CA LEU D 147 -26.29 -4.97 -3.23
C LEU D 147 -26.75 -3.97 -2.17
N ALA D 148 -26.57 -4.33 -0.91
CA ALA D 148 -26.94 -3.45 0.18
C ALA D 148 -26.18 -2.14 0.11
N THR D 149 -24.90 -2.21 -0.21
CA THR D 149 -24.09 -1.00 -0.27
C THR D 149 -24.48 -0.14 -1.49
N ALA D 150 -24.83 -0.79 -2.59
CA ALA D 150 -25.29 -0.05 -3.78
C ALA D 150 -26.58 0.70 -3.51
N LEU D 151 -27.49 0.07 -2.77
CA LEU D 151 -28.77 0.67 -2.42
C LEU D 151 -28.57 1.84 -1.45
N THR D 152 -27.62 1.67 -0.53
CA THR D 152 -27.27 2.73 0.41
C THR D 152 -26.73 3.95 -0.34
N LEU D 153 -25.83 3.72 -1.28
CA LEU D 153 -25.25 4.82 -2.05
C LEU D 153 -26.32 5.55 -2.89
N ARG D 154 -27.26 4.79 -3.45
CA ARG D 154 -28.40 5.38 -4.17
C ARG D 154 -29.21 6.33 -3.32
N GLU D 155 -29.48 5.95 -2.08
CA GLU D 155 -30.17 6.83 -1.16
C GLU D 155 -29.38 8.09 -0.86
N LEU D 156 -28.09 7.94 -0.68
CA LEU D 156 -27.25 9.05 -0.26
C LEU D 156 -27.03 10.05 -1.39
N ARG D 157 -27.09 9.58 -2.64
CA ARG D 157 -26.71 10.39 -3.80
C ARG D 157 -27.90 11.19 -4.35
N ALA D 158 -27.66 11.94 -5.43
CA ALA D 158 -28.62 12.91 -5.97
C ALA D 158 -29.84 12.25 -6.57
N HIS D 159 -31.00 12.58 -6.01
CA HIS D 159 -32.29 12.15 -6.54
C HIS D 159 -33.32 13.18 -6.07
N SER D 160 -34.60 12.95 -6.33
CA SER D 160 -35.64 13.94 -6.05
C SER D 160 -36.45 13.55 -4.81
N ALA E 15 -6.78 -16.27 -29.96
CA ALA E 15 -5.85 -15.27 -29.33
C ALA E 15 -4.81 -14.70 -30.29
N SER E 16 -4.91 -15.03 -31.57
CA SER E 16 -3.87 -14.70 -32.55
C SER E 16 -3.72 -13.19 -32.82
N GLY E 17 -4.78 -12.43 -32.55
CA GLY E 17 -4.74 -10.99 -32.63
C GLY E 17 -4.29 -10.26 -31.37
N VAL E 18 -4.03 -10.95 -30.27
CA VAL E 18 -3.67 -10.21 -29.06
C VAL E 18 -2.18 -9.82 -29.08
N ARG E 19 -1.93 -8.63 -28.56
CA ARG E 19 -0.58 -8.08 -28.50
C ARG E 19 -0.01 -8.36 -27.12
N LEU E 20 0.93 -9.29 -27.07
CA LEU E 20 1.49 -9.75 -25.81
C LEU E 20 2.94 -9.25 -25.63
N ALA E 21 3.25 -8.80 -24.42
CA ALA E 21 4.62 -8.51 -23.99
C ALA E 21 4.97 -9.36 -22.78
N ILE E 22 6.25 -9.71 -22.68
CA ILE E 22 6.76 -10.48 -21.57
C ILE E 22 8.03 -9.76 -21.11
N VAL E 23 8.07 -9.42 -19.83
CA VAL E 23 9.28 -8.86 -19.22
C VAL E 23 9.76 -9.87 -18.16
N ALA E 24 11.01 -10.30 -18.26
CA ALA E 24 11.56 -11.29 -17.34
C ALA E 24 12.83 -10.75 -16.71
N SER E 25 12.88 -10.74 -15.38
CA SER E 25 14.10 -10.37 -14.69
C SER E 25 15.12 -11.48 -14.87
N SER E 26 16.32 -11.29 -14.31
CA SER E 26 17.46 -12.15 -14.58
C SER E 26 18.14 -12.77 -13.36
N TRP E 27 17.82 -12.35 -12.14
CA TRP E 27 18.37 -12.98 -10.93
C TRP E 27 17.87 -14.42 -10.87
N HIS E 28 18.78 -15.36 -10.70
CA HIS E 28 18.51 -16.80 -10.79
C HIS E 28 18.18 -17.10 -12.24
N GLY E 29 19.18 -16.89 -13.08
CA GLY E 29 19.01 -16.85 -14.53
C GLY E 29 18.47 -18.11 -15.17
N LYS E 30 18.94 -19.27 -14.75
CA LYS E 30 18.47 -20.52 -15.33
C LYS E 30 16.98 -20.71 -15.03
N ILE E 31 16.55 -20.34 -13.84
CA ILE E 31 15.15 -20.48 -13.50
C ILE E 31 14.33 -19.45 -14.29
N CYS E 32 14.84 -18.22 -14.40
CA CYS E 32 14.18 -17.19 -15.21
C CYS E 32 14.03 -17.64 -16.66
N ASP E 33 15.08 -18.20 -17.24
CA ASP E 33 15.05 -18.63 -18.62
C ASP E 33 14.01 -19.75 -18.83
N ALA E 34 13.89 -20.65 -17.85
CA ALA E 34 12.90 -21.72 -17.90
C ALA E 34 11.44 -21.17 -17.88
N LEU E 35 11.17 -20.20 -17.04
CA LEU E 35 9.87 -19.53 -17.04
C LEU E 35 9.55 -18.87 -18.37
N LEU E 36 10.56 -18.24 -18.97
CA LEU E 36 10.40 -17.55 -20.25
C LEU E 36 10.11 -18.54 -21.38
N ASP E 37 10.76 -19.70 -21.31
CA ASP E 37 10.53 -20.78 -22.26
C ASP E 37 9.06 -21.24 -22.23
N GLY E 38 8.51 -21.45 -21.04
CA GLY E 38 7.13 -21.87 -20.91
C GLY E 38 6.17 -20.79 -21.41
N ALA E 39 6.47 -19.53 -21.12
CA ALA E 39 5.67 -18.38 -21.58
C ALA E 39 5.65 -18.27 -23.12
N ARG E 40 6.83 -18.31 -23.73
CA ARG E 40 6.96 -18.23 -25.18
C ARG E 40 6.21 -19.37 -25.89
N LYS E 41 6.24 -20.56 -25.30
CA LYS E 41 5.63 -21.74 -25.93
C LYS E 41 4.10 -21.67 -25.89
N VAL E 42 3.55 -21.20 -24.76
CA VAL E 42 2.11 -20.94 -24.65
C VAL E 42 1.72 -19.90 -25.70
N ALA E 43 2.45 -18.80 -25.76
CA ALA E 43 2.17 -17.76 -26.75
C ALA E 43 2.13 -18.30 -28.17
N ALA E 44 3.11 -19.10 -28.54
CA ALA E 44 3.20 -19.59 -29.92
C ALA E 44 2.11 -20.59 -30.25
N GLY E 45 1.73 -21.38 -29.24
CA GLY E 45 0.68 -22.36 -29.40
C GLY E 45 -0.65 -21.66 -29.64
N CYS E 46 -0.82 -20.50 -29.01
CA CYS E 46 -2.03 -19.69 -29.19
C CYS E 46 -1.99 -18.80 -30.43
N GLY E 47 -0.98 -18.96 -31.29
CA GLY E 47 -0.88 -18.21 -32.51
C GLY E 47 0.04 -16.98 -32.50
N LEU E 48 0.81 -16.77 -31.43
CA LEU E 48 1.70 -15.61 -31.25
C LEU E 48 3.19 -16.01 -31.25
N ASP E 49 3.82 -15.87 -32.42
CA ASP E 49 5.22 -16.25 -32.58
C ASP E 49 6.15 -15.11 -32.19
N ASP E 50 5.61 -13.88 -32.14
CA ASP E 50 6.46 -12.70 -31.97
C ASP E 50 6.01 -11.77 -30.86
N PRO E 51 5.88 -12.28 -29.64
CA PRO E 51 5.59 -11.38 -28.51
C PRO E 51 6.79 -10.47 -28.28
N THR E 52 6.54 -9.25 -27.81
CA THR E 52 7.58 -8.37 -27.33
C THR E 52 8.22 -8.96 -26.04
N VAL E 53 9.52 -9.22 -26.05
CA VAL E 53 10.19 -9.83 -24.90
C VAL E 53 11.34 -8.92 -24.47
N VAL E 54 11.33 -8.55 -23.20
CA VAL E 54 12.34 -7.66 -22.64
C VAL E 54 12.90 -8.28 -21.36
N ARG E 55 14.21 -8.12 -21.15
CA ARG E 55 14.88 -8.57 -19.92
C ARG E 55 15.30 -7.39 -19.02
N VAL E 56 15.11 -7.59 -17.71
CA VAL E 56 15.61 -6.68 -16.71
C VAL E 56 16.47 -7.46 -15.70
N LEU E 57 17.16 -6.72 -14.84
CA LEU E 57 18.11 -7.35 -13.91
C LEU E 57 17.38 -8.07 -12.79
N GLY E 58 16.68 -7.33 -11.93
CA GLY E 58 15.98 -7.94 -10.82
C GLY E 58 14.49 -7.66 -10.86
N ALA E 59 13.75 -8.35 -10.01
CA ALA E 59 12.30 -8.18 -9.98
C ALA E 59 11.83 -6.75 -9.76
N ILE E 60 12.57 -5.97 -8.96
CA ILE E 60 12.19 -4.58 -8.67
C ILE E 60 12.11 -3.72 -9.94
N GLU E 61 12.90 -4.10 -10.94
CA GLU E 61 12.98 -3.37 -12.20
C GLU E 61 11.80 -3.72 -13.15
N ILE E 62 11.02 -4.75 -12.82
CA ILE E 62 9.95 -5.20 -13.73
C ILE E 62 8.84 -4.16 -13.89
N PRO E 63 8.27 -3.62 -12.82
CA PRO E 63 7.09 -2.76 -12.97
C PRO E 63 7.28 -1.54 -13.88
N VAL E 64 8.42 -0.87 -13.84
CA VAL E 64 8.59 0.31 -14.68
C VAL E 64 8.68 -0.09 -16.17
N VAL E 65 9.29 -1.24 -16.45
CA VAL E 65 9.27 -1.77 -17.81
C VAL E 65 7.86 -2.28 -18.22
N ALA E 66 7.18 -3.01 -17.36
CA ALA E 66 5.79 -3.40 -17.61
C ALA E 66 4.90 -2.21 -17.91
N GLN E 67 5.14 -1.09 -17.25
CA GLN E 67 4.35 0.14 -17.48
C GLN E 67 4.52 0.65 -18.90
N GLU E 68 5.77 0.69 -19.38
CA GLU E 68 6.04 1.11 -20.73
C GLU E 68 5.35 0.17 -21.74
N LEU E 69 5.45 -1.14 -21.48
CA LEU E 69 4.90 -2.16 -22.38
C LEU E 69 3.37 -2.16 -22.42
N ALA E 70 2.74 -1.91 -21.28
CA ALA E 70 1.28 -1.83 -21.19
C ALA E 70 0.69 -0.75 -22.08
N ARG E 71 1.49 0.26 -22.43
CA ARG E 71 1.03 1.36 -23.26
C ARG E 71 0.58 0.88 -24.61
N ASN E 72 1.20 -0.17 -25.13
CA ASN E 72 0.90 -0.63 -26.48
C ASN E 72 0.75 -2.14 -26.64
N HIS E 73 0.43 -2.82 -25.54
CA HIS E 73 0.16 -4.25 -25.57
C HIS E 73 -1.17 -4.49 -24.86
N ASP E 74 -1.86 -5.57 -25.22
CA ASP E 74 -3.14 -5.95 -24.62
C ASP E 74 -2.91 -6.69 -23.33
N ALA E 75 -1.70 -7.22 -23.18
CA ALA E 75 -1.34 -7.94 -21.97
C ALA E 75 0.17 -8.02 -21.79
N VAL E 76 0.59 -8.08 -20.53
CA VAL E 76 1.99 -8.19 -20.15
C VAL E 76 2.16 -9.33 -19.14
N VAL E 77 3.12 -10.20 -19.39
CA VAL E 77 3.49 -11.24 -18.46
C VAL E 77 4.80 -10.81 -17.76
N ALA E 78 4.75 -10.71 -16.46
CA ALA E 78 5.90 -10.48 -15.60
C ALA E 78 6.48 -11.79 -15.08
N LEU E 79 7.75 -12.06 -15.38
CA LEU E 79 8.41 -13.27 -14.94
C LEU E 79 9.63 -12.94 -14.11
N GLY E 80 9.85 -13.72 -13.06
CA GLY E 80 11.08 -13.60 -12.30
C GLY E 80 11.14 -14.59 -11.14
N VAL E 81 12.19 -14.47 -10.32
CA VAL E 81 12.45 -15.42 -9.26
C VAL E 81 13.06 -14.69 -8.06
N VAL E 82 12.33 -14.67 -6.95
CA VAL E 82 12.82 -14.11 -5.72
C VAL E 82 12.86 -15.25 -4.72
N ILE E 83 14.04 -15.49 -4.15
CA ILE E 83 14.24 -16.57 -3.17
C ILE E 83 14.74 -15.96 -1.88
N ARG E 84 14.09 -16.32 -0.78
CA ARG E 84 14.41 -15.76 0.52
C ARG E 84 15.88 -16.05 0.86
N GLY E 85 16.59 -15.02 1.30
CA GLY E 85 17.96 -15.14 1.74
C GLY E 85 18.07 -14.97 3.25
N GLN E 86 19.18 -14.37 3.69
CA GLN E 86 19.45 -14.29 5.12
C GLN E 86 18.69 -13.14 5.79
N THR E 87 18.26 -12.14 5.00
CA THR E 87 17.70 -10.93 5.58
C THR E 87 16.23 -10.77 5.21
N PRO E 88 15.58 -9.74 5.77
CA PRO E 88 14.26 -9.32 5.32
C PRO E 88 14.17 -8.73 3.93
N HIS E 89 15.28 -8.56 3.22
CA HIS E 89 15.19 -7.96 1.89
C HIS E 89 14.19 -8.66 0.97
N PHE E 90 14.07 -9.97 1.10
CA PHE E 90 13.10 -10.75 0.33
C PHE E 90 11.70 -10.18 0.46
N ASP E 91 11.29 -9.86 1.69
CA ASP E 91 9.97 -9.35 1.94
C ASP E 91 9.74 -8.07 1.16
N TYR E 92 10.75 -7.19 1.11
CA TYR E 92 10.58 -5.87 0.49
C TYR E 92 10.65 -5.90 -1.01
N VAL E 93 11.42 -6.82 -1.57
CA VAL E 93 11.44 -7.03 -3.01
C VAL E 93 10.04 -7.49 -3.47
N CYS E 94 9.47 -8.43 -2.73
CA CYS E 94 8.17 -9.01 -3.10
C CYS E 94 7.05 -7.97 -2.91
N ASP E 95 7.12 -7.19 -1.82
CA ASP E 95 6.17 -6.08 -1.61
C ASP E 95 6.20 -5.09 -2.79
N ALA E 96 7.40 -4.71 -3.23
CA ALA E 96 7.52 -3.74 -4.32
C ALA E 96 6.95 -4.28 -5.63
N VAL E 97 7.23 -5.55 -5.96
CA VAL E 97 6.72 -6.18 -7.19
C VAL E 97 5.17 -6.24 -7.17
N THR E 98 4.62 -6.65 -6.04
CA THR E 98 3.19 -6.73 -5.86
C THR E 98 2.51 -5.38 -6.01
N GLN E 99 2.99 -4.38 -5.27
CA GLN E 99 2.45 -3.03 -5.36
C GLN E 99 2.55 -2.47 -6.78
N GLY E 100 3.69 -2.74 -7.40
CA GLY E 100 4.01 -2.19 -8.69
C GLY E 100 3.16 -2.77 -9.80
N LEU E 101 3.12 -4.08 -9.88
CA LEU E 101 2.35 -4.75 -10.93
C LEU E 101 0.85 -4.46 -10.83
N THR E 102 0.35 -4.40 -9.59
CA THR E 102 -1.04 -4.10 -9.34
C THR E 102 -1.38 -2.69 -9.79
N ARG E 103 -0.54 -1.72 -9.44
CA ARG E 103 -0.73 -0.37 -9.89
C ARG E 103 -0.71 -0.25 -11.44
N VAL E 104 0.29 -0.84 -12.05
CA VAL E 104 0.43 -0.75 -13.51
C VAL E 104 -0.83 -1.33 -14.19
N SER E 105 -1.32 -2.47 -13.71
CA SER E 105 -2.50 -3.09 -14.33
C SER E 105 -3.70 -2.17 -14.32
N LEU E 106 -3.89 -1.45 -13.21
CA LEU E 106 -5.08 -0.65 -13.04
C LEU E 106 -4.94 0.71 -13.73
N ASP E 107 -3.73 1.29 -13.67
CA ASP E 107 -3.45 2.54 -14.37
C ASP E 107 -3.69 2.37 -15.86
N SER E 108 -3.26 1.24 -16.40
CA SER E 108 -3.29 0.98 -17.83
C SER E 108 -4.53 0.22 -18.28
N SER E 109 -5.32 -0.28 -17.35
CA SER E 109 -6.47 -1.15 -17.64
C SER E 109 -6.07 -2.36 -18.52
N THR E 110 -4.90 -2.94 -18.23
CA THR E 110 -4.30 -4.00 -19.00
C THR E 110 -3.92 -5.12 -18.04
N PRO E 111 -4.21 -6.37 -18.38
CA PRO E 111 -3.78 -7.47 -17.49
C PRO E 111 -2.27 -7.54 -17.39
N ILE E 112 -1.76 -7.59 -16.16
CA ILE E 112 -0.35 -7.81 -15.90
C ILE E 112 -0.23 -9.11 -15.09
N ALA E 113 0.05 -10.22 -15.78
CA ALA E 113 0.07 -11.52 -15.14
C ALA E 113 1.34 -11.64 -14.32
N ASN E 114 1.18 -12.20 -13.12
CA ASN E 114 2.27 -12.32 -12.16
C ASN E 114 2.85 -13.70 -12.17
N GLY E 115 3.94 -13.87 -12.92
CA GLY E 115 4.73 -15.09 -12.92
C GLY E 115 6.08 -14.93 -12.23
N VAL E 116 6.11 -14.09 -11.20
CA VAL E 116 7.32 -13.88 -10.42
C VAL E 116 7.27 -14.85 -9.27
N LEU E 117 8.13 -15.86 -9.30
CA LEU E 117 8.21 -16.82 -8.20
C LEU E 117 8.71 -16.11 -6.93
N THR E 118 8.11 -16.48 -5.80
CA THR E 118 8.51 -15.99 -4.48
C THR E 118 8.56 -17.17 -3.55
N THR E 119 9.76 -17.71 -3.37
CA THR E 119 9.93 -18.98 -2.66
C THR E 119 10.92 -18.83 -1.50
N ASN E 120 10.87 -19.79 -0.57
CA ASN E 120 11.84 -19.86 0.51
C ASN E 120 13.13 -20.57 0.12
N THR E 121 13.03 -21.48 -0.85
CA THR E 121 14.15 -22.30 -1.29
C THR E 121 14.25 -22.36 -2.81
N GLU E 122 15.44 -22.70 -3.28
CA GLU E 122 15.68 -22.91 -4.70
C GLU E 122 14.89 -24.10 -5.25
N GLU E 123 14.79 -25.16 -4.46
CA GLU E 123 14.04 -26.35 -4.85
C GLU E 123 12.59 -26.00 -5.15
N GLN E 124 11.99 -25.16 -4.31
CA GLN E 124 10.62 -24.69 -4.55
C GLN E 124 10.49 -23.91 -5.87
N ALA E 125 11.48 -23.09 -6.19
CA ALA E 125 11.45 -22.30 -7.42
C ALA E 125 11.60 -23.21 -8.63
N LEU E 126 12.53 -24.15 -8.56
CA LEU E 126 12.78 -25.09 -9.65
C LEU E 126 11.53 -25.94 -9.93
N ASP E 127 10.84 -26.36 -8.87
CA ASP E 127 9.63 -27.15 -8.98
C ASP E 127 8.48 -26.38 -9.63
N ARG E 128 8.63 -25.07 -9.81
CA ARG E 128 7.58 -24.22 -10.37
C ARG E 128 7.96 -23.58 -11.70
N ALA E 129 9.08 -24.01 -12.29
CA ALA E 129 9.62 -23.36 -13.48
C ALA E 129 9.46 -24.23 -14.73
N GLY E 130 8.72 -25.32 -14.60
CA GLY E 130 8.42 -26.19 -15.74
C GLY E 130 9.64 -26.80 -16.42
N LEU E 131 10.60 -27.25 -15.61
CA LEU E 131 11.74 -28.05 -16.07
C LEU E 131 11.28 -29.50 -16.10
N PRO E 132 12.06 -30.41 -16.67
CA PRO E 132 11.60 -31.80 -16.85
C PRO E 132 10.97 -32.42 -15.59
N THR E 133 11.53 -32.21 -14.40
CA THR E 133 10.98 -32.83 -13.18
C THR E 133 10.04 -31.92 -12.35
N SER E 134 9.77 -30.70 -12.82
CA SER E 134 8.92 -29.75 -12.10
C SER E 134 7.46 -30.19 -12.09
N ALA E 135 6.80 -29.94 -10.96
CA ALA E 135 5.39 -30.25 -10.83
C ALA E 135 4.54 -29.27 -11.62
N GLU E 136 5.00 -28.03 -11.79
CA GLU E 136 4.29 -27.04 -12.58
C GLU E 136 5.19 -26.01 -13.26
N ASP E 137 4.55 -25.19 -14.09
CA ASP E 137 5.23 -24.14 -14.84
C ASP E 137 4.43 -22.87 -14.73
N LYS E 138 4.90 -21.99 -13.85
CA LYS E 138 4.16 -20.79 -13.52
C LYS E 138 4.29 -19.74 -14.63
N GLY E 139 5.33 -19.84 -15.47
CA GLY E 139 5.51 -18.96 -16.61
C GLY E 139 4.41 -19.18 -17.65
N ALA E 140 4.20 -20.46 -17.97
CA ALA E 140 3.12 -20.91 -18.83
C ALA E 140 1.76 -20.53 -18.25
N GLN E 141 1.54 -20.82 -16.96
CA GLN E 141 0.31 -20.45 -16.28
C GLN E 141 0.05 -18.95 -16.39
N ALA E 142 1.08 -18.13 -16.15
CA ALA E 142 0.91 -16.68 -16.19
C ALA E 142 0.57 -16.21 -17.59
N THR E 143 1.08 -16.90 -18.62
CA THR E 143 0.79 -16.51 -19.99
C THR E 143 -0.64 -16.84 -20.37
N VAL E 144 -1.12 -18.00 -19.95
CA VAL E 144 -2.53 -18.36 -20.12
C VAL E 144 -3.39 -17.26 -19.44
N ALA E 145 -3.02 -16.83 -18.23
CA ALA E 145 -3.80 -15.84 -17.49
C ALA E 145 -3.88 -14.51 -18.22
N ALA E 146 -2.74 -14.05 -18.71
CA ALA E 146 -2.63 -12.84 -19.50
C ALA E 146 -3.49 -12.86 -20.73
N LEU E 147 -3.42 -13.95 -21.49
CA LEU E 147 -4.15 -14.05 -22.75
C LEU E 147 -5.65 -14.21 -22.54
N ALA E 148 -6.04 -15.09 -21.63
CA ALA E 148 -7.45 -15.29 -21.29
C ALA E 148 -8.10 -13.97 -20.81
N THR E 149 -7.39 -13.21 -19.99
CA THR E 149 -7.92 -11.95 -19.47
C THR E 149 -8.03 -10.89 -20.54
N ALA E 150 -7.06 -10.84 -21.44
CA ALA E 150 -7.14 -9.93 -22.57
C ALA E 150 -8.34 -10.23 -23.48
N LEU E 151 -8.58 -11.52 -23.74
CA LEU E 151 -9.72 -11.94 -24.58
C LEU E 151 -11.06 -11.64 -23.89
N THR E 152 -11.08 -11.81 -22.59
CA THR E 152 -12.25 -11.47 -21.81
C THR E 152 -12.57 -9.97 -21.87
N LEU E 153 -11.56 -9.14 -21.71
CA LEU E 153 -11.74 -7.69 -21.76
C LEU E 153 -12.15 -7.21 -23.16
N ARG E 154 -11.57 -7.84 -24.18
CA ARG E 154 -11.96 -7.64 -25.58
C ARG E 154 -13.46 -7.82 -25.77
N GLU E 155 -13.99 -8.93 -25.26
CA GLU E 155 -15.41 -9.24 -25.42
C GLU E 155 -16.29 -8.31 -24.58
N LEU E 156 -15.80 -7.87 -23.42
CA LEU E 156 -16.57 -6.94 -22.61
C LEU E 156 -16.56 -5.52 -23.18
N ARG E 157 -15.54 -5.17 -23.96
CA ARG E 157 -15.37 -3.79 -24.44
C ARG E 157 -16.08 -3.53 -25.77
N ALA E 158 -15.91 -2.30 -26.26
CA ALA E 158 -16.69 -1.67 -27.33
C ALA E 158 -16.50 -2.30 -28.71
N HIS E 159 -17.55 -2.96 -29.17
CA HIS E 159 -17.70 -3.46 -30.53
C HIS E 159 -19.22 -3.58 -30.72
N SER E 160 -19.76 -3.67 -31.93
CA SER E 160 -19.10 -3.54 -33.23
C SER E 160 -19.82 -2.39 -33.99
C ACY F . 22.89 15.70 5.85
O ACY F . 22.34 14.62 5.50
OXT ACY F . 22.94 16.09 7.02
CH3 ACY F . 23.53 16.54 4.78
S1 DTU G . 28.93 -0.31 -18.02
C1 DTU G . 27.89 -1.65 -18.32
C2 DTU G . 26.68 -0.90 -18.26
O2 DTU G . 26.33 -0.74 -19.57
C3 DTU G . 25.61 -1.53 -17.53
O3 DTU G . 25.56 -1.33 -16.45
C4 DTU G . 24.29 -1.21 -18.02
S4 DTU G . 24.30 -2.59 -19.11
O33 T1P H . 14.05 0.09 16.75
P T1P H . 15.04 1.25 16.70
O31 T1P H . 14.64 2.46 17.46
O32 T1P H . 16.47 0.88 16.80
O27 T1P H . 14.95 1.74 15.16
C17 T1P H . 15.65 1.02 14.12
C16 T1P H . 15.56 1.77 12.80
C15 T1P H . 16.36 3.01 13.04
N5 T1P H . 16.23 3.98 11.99
C6 T1P H . 15.46 5.09 11.95
O6 T1P H . 14.70 5.43 12.92
C9 T1P H . 16.87 4.00 10.84
C4 T1P H . 17.87 3.19 10.12
O4 T1P H . 18.32 2.15 10.63
N3 T1P H . 18.28 3.59 8.94
C2 T1P H . 17.84 4.70 8.33
O2 T1P H . 18.27 5.03 7.20
C8 T1P H . 16.43 5.20 10.15
N1 T1P H . 16.95 5.51 8.87
N7 T1P H . 15.55 5.88 10.86
C10 T1P H . 14.78 7.09 10.67
C11 T1P H . 14.88 7.80 9.33
O19 T1P H . 14.59 7.01 8.18
C12 T1P H . 14.02 9.04 9.26
O21 T1P H . 15.02 10.02 9.04
C13 T1P H . 13.15 9.46 10.45
O23 T1P H . 11.99 8.65 10.63
C14 T1P H . 12.66 10.88 10.22
O26 T1P H . 11.92 10.94 8.99
K K I . 12.97 11.00 -15.94
K K J . 31.62 -0.22 -1.76
K K K . 10.05 2.21 -30.47
C ACY L . -6.58 17.85 20.86
O ACY L . -5.34 17.89 20.77
OXT ACY L . -7.22 16.86 21.30
CH3 ACY L . -7.37 19.06 20.42
S1 DTU M . 21.00 23.74 11.09
C1 DTU M . 20.71 23.21 9.46
C2 DTU M . 20.19 21.91 9.75
O2 DTU M . 19.78 21.38 8.57
C3 DTU M . 21.05 20.91 10.35
O3 DTU M . 20.75 20.52 11.34
C4 DTU M . 21.26 19.72 9.55
S4 DTU M . 21.83 20.54 8.12
O33 T2P N . -4.45 -2.87 21.31
P T2P N . -4.89 -1.66 22.08
O31 T2P N . -6.38 -1.46 22.12
O32 T2P N . -4.25 -1.51 23.41
O27 T2P N . -4.38 -0.38 21.24
C17 T2P N . -3.00 -0.16 20.97
C16 T2P N . -2.82 1.03 20.02
C15 T2P N . -3.32 2.22 20.78
N5 T2P N . -3.55 3.43 20.02
C6 T2P N . -4.68 3.82 19.40
O6 T2P N . -5.71 3.07 19.34
C9 T2P N . -2.73 4.48 19.87
C4 T2P N . -1.35 4.88 20.27
O4 T2P N . -0.66 4.09 20.93
N3 T2P N . -0.89 6.08 19.89
C2 T2P N . -1.60 6.97 19.15
O2 T2P N . -1.07 8.06 18.85
C8 T2P N . -3.45 5.48 19.09
N1 T2P N . -2.85 6.73 18.75
N7 T2P N . -4.65 5.02 18.79
C10 T2P N . -5.78 5.62 18.14
C11 T2P N . -5.71 6.37 16.80
O19 T2P N . -4.53 7.14 16.59
C12 T2P N . -7.03 7.14 17.00
O21 T2P N . -6.82 8.55 17.02
C13 T2P N . -8.18 6.63 16.15
O23 T2P N . -8.04 5.25 15.85
C14 T2P N . -8.30 7.38 14.84
O26 T2P N . -9.51 8.08 14.84
K K O . 5.24 22.71 0.28
K K P . 13.50 15.90 24.04
K K Q . 18.88 23.81 -9.56
C ACY R . -27.89 -3.10 6.16
O ACY R . -28.26 -2.54 5.10
OXT ACY R . -28.17 -2.66 7.30
CH3 ACY R . -27.09 -4.36 6.07
S1 DTV S . -17.13 18.79 23.10
C1 DTV S . -16.29 19.78 21.96
C2 DTV S . -15.04 19.23 22.33
O2 DTV S . -15.03 17.96 21.82
C3 DTV S . -13.82 19.86 21.85
O3 DTV S . -13.73 20.97 21.94
C4 DTV S . -13.55 19.59 20.44
S4 DTV S . -13.22 17.87 20.65
O33 T5P T . -11.21 -16.26 9.33
P T5P T . -12.73 -16.20 9.26
O31 T5P T . -13.34 -16.82 8.06
O32 T5P T . -13.46 -16.55 10.49
O27 T5P T . -12.98 -14.61 9.06
C17 T5P T . -12.88 -13.70 10.17
C16 T5P T . -13.19 -12.31 9.68
C15 T5P T . -14.60 -12.35 9.17
N5 T5P T . -15.17 -11.13 8.61
C6 T5P T . -15.61 -10.95 7.34
O6 T5P T . -15.50 -11.87 6.43
C9 T5P T . -15.44 -9.97 9.24
C4 T5P T . -15.34 -9.30 10.56
O4 T5P T . -14.86 -9.89 11.56
N3 T5P T . -15.79 -8.05 10.70
C2 T5P T . -16.33 -7.33 9.69
O2 T5P T . -16.73 -6.15 9.88
C8 T5P T . -16.04 -9.14 8.20
N1 T5P T . -16.48 -7.82 8.47
N7 T5P T . -16.11 -9.75 7.03
C10 T5P T . -16.74 -9.32 5.79
C11 T5P T . -16.10 -8.20 4.99
O19 T5P T . -16.02 -6.99 5.72
C12 T5P T . -16.97 -7.99 3.76
O21 T5P T . -18.33 -7.78 4.10
C13 T5P T . -16.91 -9.14 2.78
O23 T5P T . -15.55 -9.47 2.51
C14 T5P T . -17.61 -8.76 1.48
O26 T5P T . -17.06 -7.57 0.96
K K U . -15.33 17.32 3.37
K K V . -20.70 2.45 24.15
K K W . -5.61 30.34 8.12
C ACY X . -11.27 -18.74 -18.13
O ACY X . -12.21 -18.78 -17.33
OXT ACY X . -10.16 -19.26 -17.91
CH3 ACY X . -11.49 -18.02 -19.44
S1 DTV Y . -32.53 -8.29 -1.74
C1 DTV Y . -32.35 -6.58 -1.78
C2 DTV Y . -30.98 -6.58 -1.39
O2 DTV Y . -30.46 -5.50 -2.01
C3 DTV Y . -30.64 -6.40 0.00
O3 DTV Y . -30.03 -5.54 0.28
C4 DTV Y . -29.95 -7.55 0.53
S4 DTV Y . -30.39 -7.24 2.22
O33 T4P Z . 2.84 -21.53 -2.66
P T4P Z . 2.23 -22.18 -3.87
O31 T4P Z . 3.07 -22.25 -5.10
O32 T4P Z . 1.42 -23.39 -3.63
O27 T4P Z . 1.06 -21.14 -4.28
C17 T4P Z . -0.13 -21.07 -3.48
C16 T4P Z . -1.03 -19.96 -4.02
C15 T4P Z . -1.53 -20.53 -5.32
N5 T4P Z . -2.18 -19.60 -6.21
C6 T4P Z . -1.66 -18.92 -7.25
O6 T4P Z . -0.43 -18.93 -7.58
C9 T4P Z . -3.47 -19.31 -6.27
C4 T4P Z . -4.69 -19.62 -5.52
O4 T4P Z . -4.64 -20.40 -4.53
N3 T4P Z . -5.84 -19.07 -5.92
C2 T4P Z . -5.97 -18.20 -6.96
O2 T4P Z . -7.09 -17.74 -7.26
C8 T4P Z . -3.64 -18.37 -7.38
N1 T4P Z . -4.93 -17.85 -7.71
N7 T4P Z . -2.47 -18.17 -7.97
C10 T4P Z . -1.95 -17.39 -9.06
C11 T4P Z . -2.98 -16.65 -9.84
O19 T4P Z . -3.61 -15.58 -9.12
C12 T4P Z . -2.33 -16.41 -11.20
O21 T4P Z . -3.35 -15.84 -11.96
C13 T4P Z . -0.88 -15.86 -11.44
O23 T4P Z . -0.23 -15.13 -10.41
C14 T4P Z . -0.75 -15.11 -12.78
O26 T4P Z . -1.18 -13.75 -12.70
K K AA . -20.31 2.34 -11.32
K K BA . -22.99 -22.17 -2.30
C ACY CA . 20.35 -7.22 -18.76
O ACY CA . 19.89 -6.23 -19.36
OXT ACY CA . 21.13 -8.04 -19.25
CH3 ACY CA . 19.95 -7.47 -17.34
S1 DTV DA . -7.53 -19.92 -23.19
C1 DTV DA . -7.70 -18.65 -24.34
C2 DTV DA . -6.33 -18.30 -24.38
O2 DTV DA . -5.71 -18.75 -23.24
C3 DTV DA . -5.52 -18.78 -25.45
O3 DTV DA . -5.74 -18.38 -26.46
C4 DTV DA . -5.53 -20.25 -25.55
S4 DTV DA . -4.44 -20.49 -26.93
O33 T4P EA . 18.64 -11.35 2.08
P T4P EA . 19.54 -11.29 0.87
O31 T4P EA . 20.50 -10.13 0.75
O32 T4P EA . 20.13 -12.61 0.52
O27 T4P EA . 18.59 -10.99 -0.40
C17 T4P EA . 17.69 -11.98 -0.91
C16 T4P EA . 16.81 -11.38 -1.99
C15 T4P EA . 17.76 -11.20 -3.14
N5 T4P EA . 17.31 -10.36 -4.23
C6 T4P EA . 17.54 -9.07 -4.44
O6 T4P EA . 18.17 -8.34 -3.59
C9 T4P EA . 16.67 -10.74 -5.31
C4 T4P EA . 16.09 -11.96 -5.84
O4 T4P EA . 16.17 -13.01 -5.20
N3 T4P EA . 15.48 -11.93 -7.03
C2 T4P EA . 15.34 -10.82 -7.78
O2 T4P EA . 14.75 -10.91 -8.89
C8 T4P EA . 16.50 -9.55 -6.15
N1 T4P EA . 15.84 -9.65 -7.41
N7 T4P EA . 17.07 -8.51 -5.55
C10 T4P EA . 17.24 -7.13 -5.84
C11 T4P EA . 16.76 -6.70 -7.20
O19 T4P EA . 15.31 -6.72 -7.34
C12 T4P EA . 17.59 -5.45 -7.51
O21 T4P EA . 17.32 -5.07 -8.82
C13 T4P EA . 17.81 -4.26 -6.52
O23 T4P EA . 16.87 -4.04 -5.49
C14 T4P EA . 18.07 -2.96 -7.28
O26 T4P EA . 16.86 -2.31 -7.60
K K FA . -2.90 -1.53 -23.12
K K GA . 9.54 -24.13 -18.51
S1 D1D HA . -4.05 -23.93 -24.80
C1 D1D HA . -4.11 -24.33 -26.51
C2 D1D HA . -2.87 -24.05 -27.34
O2 D1D HA . -3.34 -23.06 -28.25
C3 D1D HA . -1.52 -23.49 -26.84
O3 D1D HA . -0.57 -24.51 -27.13
C4 D1D HA . -1.13 -23.05 -25.44
S4 D1D HA . -2.32 -23.20 -24.17
#